data_6JU8
#
_entry.id   6JU8
#
_cell.length_a   54.153
_cell.length_b   104.482
_cell.length_c   154.382
_cell.angle_alpha   90.00
_cell.angle_beta   90.00
_cell.angle_gamma   90.00
#
_symmetry.space_group_name_H-M   'P 21 21 21'
#
loop_
_entity.id
_entity.type
_entity.pdbx_description
1 polymer Tyrosinase
2 non-polymer 'COPPER (II) ION'
3 non-polymer 'NITRATE ION'
4 water water
#
_entity_poly.entity_id   1
_entity_poly.type   'polypeptide(L)'
_entity_poly.pdbx_seq_one_letter_code
;GPGGSPYLITGIPKDPKHPLPIRKDIDDWYLEQTSAGSNRIQLTLFVEALTVIQNRPLNDQLSYFRLAGIHGAPWTEWDG
VPGGQKDSKGNPTGFAVHNNYTFPTWHRVYVTLYEQVIYEAMLDFIKQNVPQNGKADWENEAKQWRLPYWDFARFARHGH
DNTQGDELRLPILVTMPMVKVLVPGQPGKQLSKPNPLYRFQMQTLMGTLERPYAITSQKTEEHGWSFDLPFDKCQSTTKY
GLLENYNADVWADGGQNWLRANLALNEHPWYQNLDGWDSVPTLQDMTFRLLTTGGLNWGEFSSTRYDDKKEETQPKNNEQ
APKNWMNLEAIHNNVHNWVGGFMFSRPGRHDLKLWGAGHMSSVPVAAYDPIFWLHHCNIDRLTAIWQTVNSGSWFNDDKS
KVSKDDDLRPFHRFCEKTRKVVFFRSDDVKDWRSLNYDYAITKDASRIRKEISDLYGQRTK
;
_entity_poly.pdbx_strand_id   A,B
#
# COMPACT_ATOMS: atom_id res chain seq x y z
N SER A 5 20.37 31.75 7.15
CA SER A 5 21.64 31.05 7.35
C SER A 5 22.67 31.94 8.00
N PRO A 6 23.33 31.46 9.06
CA PRO A 6 23.14 30.11 9.61
C PRO A 6 21.81 29.99 10.36
N TYR A 7 21.29 28.78 10.32
CA TYR A 7 20.12 28.38 11.07
C TYR A 7 20.56 27.86 12.44
N LEU A 8 20.30 28.63 13.48
CA LEU A 8 20.85 28.29 14.79
C LEU A 8 19.94 27.32 15.52
N ILE A 9 20.43 26.12 15.77
CA ILE A 9 19.62 25.06 16.38
C ILE A 9 19.71 25.17 17.90
N THR A 10 18.55 25.21 18.53
CA THR A 10 18.42 25.43 19.95
C THR A 10 17.52 24.38 20.60
N GLY A 11 16.72 23.68 19.80
CA GLY A 11 15.56 23.00 20.39
C GLY A 11 14.44 24.00 20.56
N ILE A 12 13.24 23.52 20.88
CA ILE A 12 12.11 24.46 21.05
C ILE A 12 12.40 25.39 22.22
N PRO A 13 12.23 26.69 22.06
CA PRO A 13 12.61 27.66 23.10
C PRO A 13 11.90 27.36 24.42
N LYS A 14 12.60 27.67 25.50
CA LYS A 14 12.10 27.44 26.84
C LYS A 14 11.05 28.47 27.21
N ASP A 15 9.93 27.94 27.68
CA ASP A 15 8.83 28.74 28.18
C ASP A 15 8.60 28.37 29.64
N PRO A 16 8.57 29.37 30.51
CA PRO A 16 8.49 29.06 31.94
C PRO A 16 7.25 28.22 32.25
N LYS A 17 6.25 28.38 31.41
CA LYS A 17 4.97 27.72 31.55
C LYS A 17 5.00 26.25 31.15
N HIS A 18 6.09 25.82 30.55
CA HIS A 18 6.18 24.50 29.91
C HIS A 18 7.53 23.86 30.19
N PRO A 19 7.80 23.50 31.45
CA PRO A 19 9.08 22.89 31.79
C PRO A 19 9.26 21.51 31.17
N LEU A 20 10.40 21.31 30.52
CA LEU A 20 10.84 20.10 29.83
C LEU A 20 9.71 19.22 29.35
N PRO A 21 8.99 19.64 28.33
CA PRO A 21 7.93 18.79 27.74
C PRO A 21 8.52 17.51 27.17
N ILE A 22 7.64 16.49 27.15
CA ILE A 22 8.09 15.13 26.79
C ILE A 22 7.72 14.75 25.38
N ARG A 23 8.65 14.02 24.76
CA ARG A 23 8.45 13.31 23.50
C ARG A 23 7.70 12.02 23.84
N LYS A 24 6.48 11.90 23.33
CA LYS A 24 5.61 10.78 23.67
C LYS A 24 5.68 9.65 22.65
N ASP A 25 5.27 8.46 23.08
CA ASP A 25 5.13 7.32 22.17
C ASP A 25 4.05 7.67 21.16
N ILE A 26 4.39 7.57 19.88
CA ILE A 26 3.46 8.10 18.89
C ILE A 26 2.14 7.35 18.85
N ASP A 27 2.10 6.07 19.23
CA ASP A 27 0.80 5.37 19.29
C ASP A 27 0.02 5.89 20.49
N ASP A 28 0.68 6.04 21.65
CA ASP A 28 -0.02 6.59 22.81
C ASP A 28 -0.57 7.96 22.47
N TRP A 29 0.27 8.77 21.83
CA TRP A 29 -0.10 10.14 21.51
C TRP A 29 -1.27 10.18 20.53
N TYR A 30 -1.23 9.33 19.49
CA TYR A 30 -2.33 9.30 18.54
C TYR A 30 -3.62 8.92 19.24
N LEU A 31 -3.56 7.93 20.14
CA LEU A 31 -4.82 7.54 20.82
C LEU A 31 -5.25 8.63 21.78
N GLU A 32 -4.33 9.32 22.45
CA GLU A 32 -4.73 10.42 23.34
C GLU A 32 -5.43 11.50 22.50
N GLN A 33 -4.89 11.76 21.31
CA GLN A 33 -5.44 12.81 20.45
C GLN A 33 -6.84 12.43 19.95
N THR A 34 -7.12 11.16 19.72
CA THR A 34 -8.30 10.76 18.98
C THR A 34 -9.27 9.87 19.75
N SER A 35 -8.84 9.23 20.83
CA SER A 35 -9.64 8.10 21.35
C SER A 35 -10.73 8.64 22.25
N ALA A 36 -10.27 9.51 23.14
CA ALA A 36 -11.11 9.95 24.25
C ALA A 36 -11.70 11.33 23.99
N GLY A 37 -12.30 11.48 22.82
CA GLY A 37 -12.74 12.79 22.33
C GLY A 37 -11.88 13.29 21.19
N SER A 38 -12.32 14.35 20.53
CA SER A 38 -11.52 14.96 19.47
C SER A 38 -10.52 16.02 19.96
N ASN A 39 -9.61 15.57 20.83
CA ASN A 39 -8.55 16.37 21.42
C ASN A 39 -7.38 16.50 20.46
N ARG A 40 -7.66 17.05 19.28
CA ARG A 40 -6.81 16.89 18.11
C ARG A 40 -5.99 18.14 17.83
N ILE A 41 -5.76 19.02 18.82
CA ILE A 41 -5.00 20.22 18.40
C ILE A 41 -3.57 19.83 18.06
N GLN A 42 -2.86 19.06 18.90
CA GLN A 42 -1.47 18.72 18.52
C GLN A 42 -1.42 17.93 17.23
N LEU A 43 -2.35 16.99 17.02
CA LEU A 43 -2.36 16.24 15.77
C LEU A 43 -2.57 17.16 14.57
N THR A 44 -3.50 18.12 14.71
CA THR A 44 -3.69 19.09 13.64
C THR A 44 -2.46 19.93 13.39
N LEU A 45 -1.82 20.42 14.46
CA LEU A 45 -0.61 21.22 14.32
C LEU A 45 0.48 20.45 13.60
N PHE A 46 0.65 19.17 13.99
CA PHE A 46 1.75 18.38 13.43
C PHE A 46 1.46 18.12 11.95
N VAL A 47 0.23 17.69 11.65
CA VAL A 47 -0.12 17.44 10.24
C VAL A 47 0.00 18.69 9.38
N GLU A 48 -0.53 19.81 9.87
CA GLU A 48 -0.55 21.02 9.06
C GLU A 48 0.85 21.59 8.91
N ALA A 49 1.63 21.56 9.99
CA ALA A 49 3.00 22.06 9.90
C ALA A 49 3.85 21.21 8.97
N LEU A 50 3.75 19.89 9.13
CA LEU A 50 4.61 19.04 8.30
C LEU A 50 4.21 19.13 6.84
N THR A 51 2.92 19.31 6.60
CA THR A 51 2.47 19.50 5.23
C THR A 51 3.09 20.76 4.61
N VAL A 52 3.05 21.90 5.30
CA VAL A 52 3.70 23.11 4.83
C VAL A 52 5.18 22.88 4.58
N ILE A 53 5.88 22.23 5.49
CA ILE A 53 7.31 21.99 5.36
C ILE A 53 7.61 21.14 4.13
N GLN A 54 6.78 20.11 3.90
CA GLN A 54 6.97 19.24 2.74
C GLN A 54 6.69 19.97 1.44
N ASN A 55 5.84 20.98 1.43
CA ASN A 55 5.50 21.72 0.22
C ASN A 55 6.42 22.91 -0.06
N ARG A 56 7.39 23.17 0.81
CA ARG A 56 8.34 24.27 0.56
C ARG A 56 9.24 23.85 -0.60
N PRO A 57 9.74 24.81 -1.38
CA PRO A 57 10.56 24.47 -2.54
C PRO A 57 12.00 24.14 -2.18
N LEU A 58 12.72 23.64 -3.21
CA LEU A 58 14.08 23.15 -3.01
C LEU A 58 15.02 24.25 -2.60
N ASN A 59 14.70 25.50 -2.96
CA ASN A 59 15.66 26.57 -2.66
C ASN A 59 15.47 27.03 -1.22
N ASP A 60 14.51 26.45 -0.52
CA ASP A 60 14.32 26.73 0.92
C ASP A 60 15.00 25.60 1.70
N GLN A 61 16.08 25.89 2.41
CA GLN A 61 16.82 24.83 3.09
C GLN A 61 16.03 24.26 4.27
N LEU A 62 14.91 24.87 4.64
CA LEU A 62 14.02 24.28 5.66
C LEU A 62 12.83 23.55 5.03
N SER A 63 12.90 23.26 3.73
CA SER A 63 11.92 22.35 3.14
C SER A 63 12.17 20.93 3.61
N TYR A 64 11.15 20.08 3.56
CA TYR A 64 11.37 18.68 3.94
C TYR A 64 12.46 18.03 3.11
N PHE A 65 12.42 18.24 1.79
CA PHE A 65 13.40 17.63 0.92
C PHE A 65 14.82 18.02 1.37
N ARG A 66 15.04 19.32 1.62
CA ARG A 66 16.39 19.74 1.97
C ARG A 66 16.79 19.28 3.35
N LEU A 67 15.87 19.21 4.31
CA LEU A 67 16.21 18.67 5.63
C LEU A 67 16.55 17.20 5.57
N ALA A 68 15.76 16.40 4.84
CA ALA A 68 16.10 15.01 4.58
C ALA A 68 17.41 14.89 3.82
N GLY A 69 17.71 15.85 2.94
CA GLY A 69 18.91 15.82 2.15
C GLY A 69 20.16 15.98 2.97
N ILE A 70 20.06 16.52 4.19
CA ILE A 70 21.27 16.61 5.04
C ILE A 70 21.88 15.25 5.25
N HIS A 71 21.03 14.25 5.43
CA HIS A 71 21.48 12.91 5.84
C HIS A 71 22.31 12.23 4.75
N GLY A 72 21.92 12.34 3.48
CA GLY A 72 22.46 11.53 2.40
C GLY A 72 22.34 12.20 1.06
N ALA A 73 21.82 11.46 0.09
CA ALA A 73 21.64 11.97 -1.26
C ALA A 73 20.67 13.13 -1.23
N PRO A 74 20.78 14.13 -2.10
CA PRO A 74 21.69 14.19 -3.24
C PRO A 74 23.09 14.71 -2.97
N TRP A 75 23.47 14.81 -1.70
CA TRP A 75 24.83 15.12 -1.29
C TRP A 75 25.22 16.56 -1.59
N THR A 76 24.35 17.51 -1.26
CA THR A 76 24.60 18.90 -1.53
C THR A 76 24.92 19.67 -0.24
N GLU A 77 25.23 20.95 -0.42
CA GLU A 77 25.39 21.90 0.68
C GLU A 77 24.11 22.03 1.49
N TRP A 78 24.30 22.36 2.77
CA TRP A 78 23.18 22.77 3.60
C TRP A 78 23.70 23.82 4.59
N ASP A 79 22.95 24.87 4.82
CA ASP A 79 23.29 25.92 5.77
C ASP A 79 24.70 26.47 5.54
N GLY A 80 25.09 26.57 4.27
CA GLY A 80 26.37 27.18 3.97
C GLY A 80 27.56 26.26 4.15
N VAL A 81 27.29 25.00 4.48
CA VAL A 81 28.35 24.00 4.66
C VAL A 81 28.41 23.15 3.40
N PRO A 82 29.54 23.10 2.72
CA PRO A 82 29.58 22.40 1.43
C PRO A 82 29.40 20.88 1.54
N GLY A 83 28.81 20.30 0.50
CA GLY A 83 28.78 18.85 0.33
C GLY A 83 30.10 18.39 -0.28
N GLY A 84 30.13 17.18 -0.84
CA GLY A 84 31.33 16.64 -1.46
C GLY A 84 32.07 15.66 -0.57
N GLN A 85 31.47 15.22 0.53
CA GLN A 85 32.13 14.27 1.41
C GLN A 85 32.11 12.88 0.79
N LYS A 86 33.05 12.04 1.20
CA LYS A 86 33.07 10.67 0.68
C LYS A 86 33.02 9.65 1.80
N ASP A 87 32.46 8.47 1.52
CA ASP A 87 32.44 7.45 2.57
C ASP A 87 33.61 6.50 2.46
N SER A 88 33.60 5.42 3.27
CA SER A 88 34.70 4.48 3.30
C SER A 88 34.94 3.76 1.98
N LYS A 89 33.96 3.78 1.09
CA LYS A 89 34.05 3.18 -0.24
C LYS A 89 34.51 4.20 -1.29
N GLY A 90 34.72 5.44 -0.87
CA GLY A 90 35.07 6.51 -1.78
C GLY A 90 33.88 7.08 -2.52
N ASN A 91 32.65 6.72 -2.16
CA ASN A 91 31.47 7.22 -2.84
C ASN A 91 30.98 8.51 -2.19
N PRO A 92 30.27 9.34 -2.93
CA PRO A 92 29.66 10.50 -2.30
C PRO A 92 28.80 10.07 -1.11
N THR A 93 28.84 10.85 -0.06
CA THR A 93 28.04 10.52 1.13
C THR A 93 27.54 11.80 1.76
N GLY A 94 26.60 11.67 2.68
CA GLY A 94 25.96 12.80 3.33
C GLY A 94 26.70 13.20 4.61
N PHE A 95 26.07 14.16 5.31
CA PHE A 95 26.69 14.63 6.56
C PHE A 95 26.50 13.62 7.68
N ALA A 96 25.54 12.71 7.53
CA ALA A 96 25.20 11.81 8.62
C ALA A 96 26.41 10.99 9.04
N VAL A 97 26.52 10.79 10.35
CA VAL A 97 27.56 9.92 10.88
C VAL A 97 27.03 8.50 11.06
N HIS A 98 27.64 7.57 10.33
CA HIS A 98 27.41 6.14 10.49
C HIS A 98 28.75 5.45 10.74
N ASN A 99 28.72 4.39 11.52
CA ASN A 99 29.93 3.60 11.82
C ASN A 99 30.98 4.48 12.47
N ASN A 100 30.55 5.39 13.35
CA ASN A 100 31.47 6.05 14.29
C ASN A 100 30.74 6.33 15.58
N TYR A 101 31.51 6.63 16.62
CA TYR A 101 30.97 6.78 17.98
C TYR A 101 30.11 8.01 18.17
N THR A 102 30.17 8.95 17.23
CA THR A 102 29.27 10.10 17.20
C THR A 102 27.96 9.79 16.49
N PHE A 103 27.73 8.55 16.09
CA PHE A 103 26.41 8.21 15.50
C PHE A 103 25.28 8.68 16.39
N PRO A 104 25.23 8.41 17.69
CA PRO A 104 24.05 8.86 18.46
C PRO A 104 23.97 10.37 18.59
N THR A 105 25.13 11.04 18.71
CA THR A 105 25.05 12.48 18.99
C THR A 105 24.78 13.29 17.74
N TRP A 106 25.36 12.87 16.60
CA TRP A 106 24.97 13.55 15.34
C TRP A 106 23.47 13.46 15.16
N HIS A 107 22.90 12.25 15.35
CA HIS A 107 21.47 12.10 15.13
C HIS A 107 20.65 12.79 16.20
N ARG A 108 21.15 12.95 17.42
CA ARG A 108 20.44 13.71 18.44
C ARG A 108 20.19 15.12 17.95
N VAL A 109 21.24 15.75 17.37
CA VAL A 109 21.07 17.12 16.86
C VAL A 109 20.15 17.13 15.65
N TYR A 110 20.27 16.15 14.76
CA TYR A 110 19.43 16.10 13.55
C TYR A 110 17.96 16.04 13.90
N VAL A 111 17.60 15.17 14.86
CA VAL A 111 16.19 15.04 15.25
C VAL A 111 15.69 16.34 15.87
N THR A 112 16.54 17.01 16.65
CA THR A 112 16.16 18.28 17.27
C THR A 112 15.96 19.36 16.21
N LEU A 113 16.78 19.39 15.17
CA LEU A 113 16.56 20.33 14.06
C LEU A 113 15.15 20.15 13.48
N TYR A 114 14.79 18.90 13.19
CA TYR A 114 13.49 18.60 12.58
C TYR A 114 12.36 19.07 13.51
N GLU A 115 12.48 18.70 14.77
CA GLU A 115 11.48 19.11 15.77
C GLU A 115 11.34 20.63 15.84
N GLN A 116 12.48 21.33 15.80
CA GLN A 116 12.44 22.78 15.93
C GLN A 116 11.77 23.40 14.71
N VAL A 117 12.14 22.93 13.52
CA VAL A 117 11.54 23.45 12.29
C VAL A 117 10.04 23.25 12.28
N ILE A 118 9.61 22.05 12.71
CA ILE A 118 8.18 21.79 12.82
C ILE A 118 7.48 22.73 13.78
N TYR A 119 8.01 22.92 14.98
CA TYR A 119 7.46 23.85 15.96
C TYR A 119 7.34 25.24 15.37
N GLU A 120 8.40 25.72 14.71
CA GLU A 120 8.32 27.06 14.10
C GLU A 120 7.21 27.15 13.06
N ALA A 121 7.01 26.09 12.27
CA ALA A 121 5.92 26.09 11.31
C ALA A 121 4.58 26.03 12.03
N MET A 122 4.52 25.37 13.19
CA MET A 122 3.26 25.35 13.96
C MET A 122 2.87 26.74 14.41
N LEU A 123 3.85 27.50 14.90
CA LEU A 123 3.56 28.88 15.29
C LEU A 123 3.04 29.70 14.12
N ASP A 124 3.60 29.56 12.93
CA ASP A 124 3.11 30.28 11.75
C ASP A 124 1.69 29.84 11.41
N PHE A 125 1.41 28.53 11.49
CA PHE A 125 0.05 28.03 11.24
C PHE A 125 -0.94 28.68 12.21
N ILE A 126 -0.61 28.76 13.48
CA ILE A 126 -1.52 29.34 14.49
C ILE A 126 -1.72 30.82 14.19
N LYS A 127 -0.65 31.56 13.86
CA LYS A 127 -0.80 32.99 13.61
C LYS A 127 -1.70 33.22 12.40
N GLN A 128 -1.70 32.29 11.43
CA GLN A 128 -2.41 32.42 10.18
C GLN A 128 -3.83 31.84 10.18
N ASN A 129 -4.15 30.95 11.11
CA ASN A 129 -5.40 30.19 11.02
C ASN A 129 -6.23 30.13 12.30
N VAL A 130 -5.69 30.48 13.45
CA VAL A 130 -6.46 30.37 14.69
C VAL A 130 -7.03 31.72 15.08
N PRO A 131 -8.31 31.83 15.37
CA PRO A 131 -8.89 33.16 15.69
C PRO A 131 -8.35 33.65 17.03
N GLN A 132 -8.37 34.96 17.28
CA GLN A 132 -7.86 35.51 18.52
C GLN A 132 -8.27 34.68 19.72
N ASN A 133 -9.54 34.29 19.84
CA ASN A 133 -10.03 33.67 21.07
C ASN A 133 -9.47 32.28 21.30
N GLY A 134 -8.76 31.77 20.31
CA GLY A 134 -8.24 30.41 20.42
C GLY A 134 -6.73 30.37 20.47
N LYS A 135 -6.09 31.53 20.25
CA LYS A 135 -4.64 31.58 20.18
C LYS A 135 -3.96 31.01 21.40
N ALA A 136 -4.36 31.42 22.61
CA ALA A 136 -3.63 30.96 23.79
C ALA A 136 -3.70 29.44 23.91
N ASP A 137 -4.88 28.85 23.68
CA ASP A 137 -5.03 27.40 23.73
C ASP A 137 -4.17 26.70 22.68
N TRP A 138 -4.21 27.15 21.43
CA TRP A 138 -3.40 26.54 20.36
C TRP A 138 -1.92 26.73 20.61
N GLU A 139 -1.54 27.91 21.08
CA GLU A 139 -0.14 28.18 21.37
C GLU A 139 0.35 27.28 22.51
N ASN A 140 -0.46 27.12 23.55
CA ASN A 140 -0.14 26.23 24.65
C ASN A 140 0.14 24.82 24.16
N GLU A 141 -0.70 24.35 23.23
CA GLU A 141 -0.48 23.00 22.71
C GLU A 141 0.79 22.91 21.87
N ALA A 142 1.09 23.90 21.03
CA ALA A 142 2.35 23.88 20.31
C ALA A 142 3.56 23.87 21.23
N LYS A 143 3.49 24.61 22.31
CA LYS A 143 4.60 24.71 23.25
C LYS A 143 4.78 23.43 24.06
N GLN A 144 3.72 22.64 24.17
CA GLN A 144 3.82 21.36 24.88
C GLN A 144 4.25 20.27 23.92
N TRP A 145 3.95 20.39 22.64
CA TRP A 145 4.25 19.36 21.66
C TRP A 145 5.74 19.10 21.53
N ARG A 146 6.09 17.82 21.39
CA ARG A 146 7.46 17.45 21.06
C ARG A 146 7.37 16.33 20.03
N LEU A 147 8.45 16.08 19.32
CA LEU A 147 8.35 15.05 18.26
C LEU A 147 8.11 13.69 18.90
N PRO A 148 7.03 13.01 18.55
CA PRO A 148 6.83 11.66 19.11
C PRO A 148 7.86 10.65 18.62
N TYR A 149 8.03 9.58 19.43
CA TYR A 149 8.93 8.49 19.05
C TYR A 149 8.12 7.26 18.68
N TRP A 150 8.70 6.48 17.75
CA TRP A 150 8.15 5.15 17.45
C TRP A 150 8.86 4.09 18.29
N ASP A 151 8.11 3.51 19.22
CA ASP A 151 8.70 2.45 20.04
C ASP A 151 8.66 1.13 19.30
N PHE A 152 9.70 0.90 18.50
CA PHE A 152 9.77 -0.29 17.65
C PHE A 152 9.91 -1.57 18.47
N ALA A 153 10.21 -1.48 19.77
CA ALA A 153 10.44 -2.64 20.62
C ALA A 153 9.28 -2.90 21.57
N ARG A 154 8.23 -2.11 21.55
CA ARG A 154 7.08 -2.26 22.43
C ARG A 154 5.94 -2.92 21.66
N PHE A 155 5.29 -3.93 22.23
CA PHE A 155 4.15 -4.54 21.56
C PHE A 155 3.04 -3.51 21.42
N ALA A 156 2.45 -3.40 20.23
CA ALA A 156 1.35 -2.47 19.98
C ALA A 156 0.13 -2.84 20.82
N ARG A 157 -0.59 -1.85 21.32
CA ARG A 157 -1.72 -2.17 22.19
C ARG A 157 -2.93 -2.53 21.33
N HIS A 158 -3.83 -3.29 21.89
CA HIS A 158 -5.08 -3.67 21.25
C HIS A 158 -6.22 -2.83 21.80
N GLY A 159 -6.63 -1.82 21.06
CA GLY A 159 -7.67 -0.91 21.52
C GLY A 159 -7.18 -0.08 22.70
N GLY A 165 -0.72 -6.15 23.92
CA GLY A 165 -0.50 -6.66 22.58
C GLY A 165 0.56 -7.74 22.50
N ASP A 166 0.78 -8.28 21.32
CA ASP A 166 1.56 -9.48 21.09
C ASP A 166 2.56 -9.30 19.95
N GLU A 167 2.56 -8.12 19.38
N GLU A 167 2.47 -8.20 19.21
CA GLU A 167 3.48 -8.00 18.26
CA GLU A 167 3.02 -7.88 17.91
C GLU A 167 3.87 -6.53 18.12
C GLU A 167 3.74 -6.53 17.91
N LEU A 168 4.97 -6.41 17.42
CA LEU A 168 5.54 -5.10 17.12
C LEU A 168 4.91 -4.58 15.85
N ARG A 169 4.73 -3.27 15.74
CA ARG A 169 4.06 -2.72 14.58
C ARG A 169 4.61 -1.36 14.23
N LEU A 170 4.58 -1.02 12.93
CA LEU A 170 4.71 0.40 12.59
C LEU A 170 3.64 1.24 13.29
N PRO A 171 3.91 2.53 13.53
CA PRO A 171 2.89 3.38 14.17
C PRO A 171 1.56 3.35 13.42
N ILE A 172 0.49 3.40 14.21
CA ILE A 172 -0.86 3.56 13.64
C ILE A 172 -0.86 4.63 12.57
N LEU A 173 -0.38 5.82 12.97
CA LEU A 173 -0.57 6.98 12.10
C LEU A 173 0.25 6.83 10.84
N VAL A 174 1.40 6.15 10.90
CA VAL A 174 2.22 5.97 9.69
C VAL A 174 1.50 5.14 8.64
N THR A 175 0.57 4.29 9.07
CA THR A 175 -0.09 3.36 8.14
C THR A 175 -1.39 3.93 7.57
N MET A 176 -1.73 5.17 7.89
CA MET A 176 -2.98 5.78 7.44
C MET A 176 -2.75 6.74 6.28
N PRO A 177 -3.32 6.48 5.09
CA PRO A 177 -3.11 7.42 3.99
C PRO A 177 -3.70 8.81 4.25
N MET A 178 -4.80 8.89 5.00
CA MET A 178 -5.49 10.15 5.30
C MET A 178 -5.62 10.31 6.80
N VAL A 179 -5.74 11.55 7.27
CA VAL A 179 -5.86 11.83 8.70
C VAL A 179 -6.86 12.96 8.89
N LYS A 180 -7.61 12.92 9.98
CA LYS A 180 -8.63 13.93 10.24
C LYS A 180 -8.06 15.00 11.17
N VAL A 181 -8.22 16.25 10.75
CA VAL A 181 -7.74 17.40 11.50
C VAL A 181 -8.89 18.37 11.78
N LEU A 182 -8.66 19.22 12.78
CA LEU A 182 -9.58 20.27 13.18
C LEU A 182 -9.49 21.46 12.23
N VAL A 183 -10.61 22.13 12.06
CA VAL A 183 -10.63 23.45 11.44
C VAL A 183 -10.65 24.55 12.50
N PRO A 184 -9.56 25.28 12.69
CA PRO A 184 -9.58 26.37 13.67
C PRO A 184 -10.54 27.46 13.24
N GLY A 185 -11.27 28.07 14.17
CA GLY A 185 -12.23 29.04 13.65
C GLY A 185 -13.57 28.39 13.33
N GLN A 186 -13.64 27.05 13.31
CA GLN A 186 -14.94 26.37 13.20
C GLN A 186 -15.05 25.22 14.21
N PRO A 187 -15.21 25.53 15.50
CA PRO A 187 -15.15 24.42 16.47
C PRO A 187 -16.20 23.37 16.12
N GLY A 188 -15.84 22.09 16.09
CA GLY A 188 -16.82 21.08 15.71
C GLY A 188 -16.57 20.59 14.29
N LYS A 189 -15.87 21.37 13.47
CA LYS A 189 -15.68 20.95 12.09
C LYS A 189 -14.34 20.24 11.94
N GLN A 190 -14.32 19.20 11.11
CA GLN A 190 -13.09 18.45 10.88
C GLN A 190 -12.91 18.19 9.39
N LEU A 191 -11.67 18.01 8.97
CA LEU A 191 -11.40 17.69 7.56
C LEU A 191 -10.48 16.49 7.44
N SER A 192 -10.68 15.61 6.47
CA SER A 192 -9.72 14.56 6.16
C SER A 192 -8.72 15.04 5.13
N LYS A 193 -7.43 14.89 5.42
CA LYS A 193 -6.36 15.40 4.56
C LYS A 193 -5.35 14.30 4.30
N PRO A 194 -4.59 14.39 3.22
CA PRO A 194 -3.46 13.45 3.05
C PRO A 194 -2.53 13.55 4.25
N ASN A 195 -2.12 12.38 4.73
CA ASN A 195 -1.29 12.30 5.93
C ASN A 195 0.17 12.47 5.61
N PRO A 196 0.84 13.54 6.05
CA PRO A 196 2.24 13.76 5.67
C PRO A 196 3.22 12.78 6.35
N LEU A 197 2.72 11.97 7.29
CA LEU A 197 3.58 10.95 7.88
C LEU A 197 3.55 9.64 7.10
N TYR A 198 2.63 9.49 6.15
CA TYR A 198 2.48 8.22 5.45
C TYR A 198 3.57 7.96 4.42
N ARG A 199 4.04 9.04 3.80
CA ARG A 199 5.01 8.96 2.73
C ARG A 199 5.47 10.38 2.43
N PHE A 200 6.51 10.51 1.61
CA PHE A 200 6.88 11.80 1.07
C PHE A 200 7.05 11.64 -0.44
N GLN A 201 6.51 12.59 -1.20
CA GLN A 201 6.75 12.55 -2.65
C GLN A 201 7.06 13.95 -3.16
N MET A 202 7.81 13.94 -4.26
CA MET A 202 8.00 15.19 -5.00
C MET A 202 6.94 15.26 -6.09
N GLN A 203 7.01 16.28 -6.94
CA GLN A 203 6.01 16.47 -8.00
C GLN A 203 6.49 15.89 -9.33
N THR A 204 7.68 15.27 -9.30
CA THR A 204 8.24 14.59 -10.47
C THR A 204 9.04 13.40 -9.95
N LEU A 205 9.55 12.57 -10.84
CA LEU A 205 10.47 11.51 -10.39
C LEU A 205 11.70 12.15 -9.79
N MET A 206 12.15 11.60 -8.65
CA MET A 206 13.22 12.29 -7.93
C MET A 206 14.54 12.32 -8.72
N GLY A 207 14.72 11.43 -9.70
CA GLY A 207 15.91 11.43 -10.52
C GLY A 207 15.94 12.56 -11.55
N THR A 208 14.85 13.34 -11.65
CA THR A 208 14.81 14.41 -12.65
C THR A 208 14.70 15.80 -12.04
N LEU A 209 14.90 15.91 -10.72
CA LEU A 209 14.89 17.22 -10.07
C LEU A 209 15.98 18.12 -10.61
N GLU A 210 15.78 19.44 -10.47
CA GLU A 210 16.82 20.33 -11.00
C GLU A 210 18.15 20.13 -10.28
N ARG A 211 19.24 20.33 -11.03
CA ARG A 211 20.58 20.28 -10.44
C ARG A 211 20.72 21.26 -9.30
N PRO A 212 21.44 20.93 -8.23
CA PRO A 212 22.14 19.67 -8.02
C PRO A 212 21.38 18.63 -7.20
N TYR A 213 20.04 18.63 -7.24
CA TYR A 213 19.23 17.91 -6.29
C TYR A 213 18.72 16.55 -6.77
N ALA A 214 18.98 16.16 -8.00
CA ALA A 214 18.48 14.89 -8.50
C ALA A 214 19.01 13.72 -7.67
N ILE A 215 18.10 12.79 -7.34
CA ILE A 215 18.41 11.57 -6.61
C ILE A 215 18.80 10.50 -7.62
N THR A 216 20.00 9.96 -7.55
CA THR A 216 20.42 8.87 -8.42
C THR A 216 19.95 7.52 -7.91
N SER A 217 20.08 6.50 -8.76
CA SER A 217 20.06 5.14 -8.23
C SER A 217 21.17 5.00 -7.19
N GLN A 218 21.03 3.98 -6.34
CA GLN A 218 21.93 3.77 -5.23
C GLN A 218 22.40 2.32 -5.18
N LYS A 219 23.71 2.10 -5.33
CA LYS A 219 24.28 0.77 -5.50
C LYS A 219 24.38 0.10 -4.12
N THR A 220 23.86 -1.12 -4.07
CA THR A 220 23.79 -1.87 -2.82
C THR A 220 24.20 -3.31 -3.09
N GLU A 221 24.70 -4.01 -2.10
CA GLU A 221 25.05 -5.42 -2.27
C GLU A 221 23.96 -6.30 -1.63
N GLU A 222 23.54 -7.31 -2.39
CA GLU A 222 22.61 -8.32 -1.93
C GLU A 222 23.20 -9.69 -2.27
N HIS A 223 23.39 -10.57 -1.29
CA HIS A 223 23.96 -11.89 -1.51
C HIS A 223 25.26 -11.75 -2.31
N GLY A 224 26.07 -10.73 -2.00
CA GLY A 224 27.38 -10.56 -2.56
C GLY A 224 27.43 -9.98 -3.95
N TRP A 225 26.28 -9.61 -4.51
CA TRP A 225 26.21 -9.05 -5.86
C TRP A 225 25.68 -7.62 -5.79
N SER A 226 26.05 -6.81 -6.76
CA SER A 226 25.66 -5.41 -6.79
C SER A 226 24.33 -5.17 -7.49
N PHE A 227 23.51 -4.30 -6.90
CA PHE A 227 22.24 -3.87 -7.49
C PHE A 227 22.12 -2.36 -7.40
N ASP A 228 21.64 -1.73 -8.46
CA ASP A 228 21.37 -0.31 -8.45
C ASP A 228 19.91 -0.06 -8.10
N LEU A 229 19.67 0.25 -6.82
CA LEU A 229 18.28 0.46 -6.38
C LEU A 229 17.72 1.68 -7.08
N PRO A 230 16.60 1.55 -7.77
CA PRO A 230 16.15 2.60 -8.70
C PRO A 230 15.42 3.78 -8.07
N PHE A 231 16.02 4.40 -7.06
CA PHE A 231 15.43 5.54 -6.36
C PHE A 231 15.30 6.74 -7.29
N ASP A 232 16.06 6.81 -8.38
CA ASP A 232 15.86 7.86 -9.37
C ASP A 232 14.51 7.75 -10.07
N LYS A 233 13.89 6.57 -10.05
CA LYS A 233 12.64 6.30 -10.75
C LYS A 233 11.42 6.42 -9.84
N CYS A 234 11.67 6.81 -8.57
CA CYS A 234 10.58 7.02 -7.63
C CYS A 234 10.13 8.48 -7.57
N GLN A 235 8.82 8.68 -7.60
CA GLN A 235 8.26 9.98 -7.21
C GLN A 235 7.99 10.02 -5.70
N SER A 236 7.49 8.91 -5.17
CA SER A 236 7.17 8.74 -3.75
C SER A 236 8.17 7.81 -3.07
N THR A 237 8.37 8.06 -1.79
CA THR A 237 9.03 7.04 -0.95
C THR A 237 8.14 5.79 -0.88
N THR A 238 8.78 4.64 -0.69
CA THR A 238 8.09 3.38 -0.60
C THR A 238 8.68 2.52 0.49
N LYS A 239 7.86 1.66 1.08
CA LYS A 239 8.29 0.56 1.95
C LYS A 239 8.07 -0.72 1.17
N TYR A 240 9.10 -1.43 0.77
CA TYR A 240 9.08 -2.71 0.07
C TYR A 240 8.61 -2.66 -1.38
N GLY A 241 8.24 -1.50 -1.94
CA GLY A 241 7.62 -1.52 -3.26
C GLY A 241 8.53 -1.61 -4.47
N LEU A 242 9.85 -1.62 -4.31
CA LEU A 242 10.75 -1.74 -5.47
C LEU A 242 11.26 -3.17 -5.59
N LEU A 243 10.87 -3.82 -6.67
CA LEU A 243 11.24 -5.20 -6.94
C LEU A 243 11.93 -5.26 -8.31
N GLU A 244 13.02 -6.02 -8.41
CA GLU A 244 13.70 -6.18 -9.68
C GLU A 244 12.77 -6.75 -10.74
N ASN A 245 12.87 -6.27 -11.97
CA ASN A 245 12.13 -6.79 -13.12
C ASN A 245 10.63 -6.54 -13.00
N TYR A 246 10.30 -5.46 -12.29
CA TYR A 246 8.98 -4.84 -12.33
C TYR A 246 9.02 -3.59 -13.19
N ASN A 247 7.90 -3.33 -13.85
CA ASN A 247 7.77 -2.13 -14.67
C ASN A 247 8.05 -0.85 -13.87
N ALA A 248 8.80 0.08 -14.44
CA ALA A 248 9.22 1.28 -13.73
C ALA A 248 8.02 2.16 -13.39
N ASP A 249 6.88 1.99 -14.03
CA ASP A 249 5.70 2.78 -13.61
C ASP A 249 5.22 2.34 -12.23
N VAL A 250 5.52 1.10 -11.82
CA VAL A 250 5.22 0.67 -10.45
C VAL A 250 6.18 1.38 -9.47
N TRP A 251 7.47 1.45 -9.84
CA TRP A 251 8.49 2.08 -9.01
C TRP A 251 8.19 3.54 -8.71
N ALA A 252 7.45 4.24 -9.57
CA ALA A 252 7.16 5.64 -9.33
C ALA A 252 6.51 5.82 -7.96
N ASP A 253 5.64 4.87 -7.60
CA ASP A 253 5.05 4.87 -6.24
C ASP A 253 4.74 3.41 -5.92
N GLY A 254 5.65 2.77 -5.22
CA GLY A 254 5.56 1.37 -4.92
C GLY A 254 4.72 1.02 -3.73
N GLY A 255 4.17 2.04 -3.07
CA GLY A 255 3.26 1.86 -1.96
C GLY A 255 3.90 1.77 -0.60
N GLN A 256 3.05 1.89 0.42
CA GLN A 256 3.45 1.78 1.82
C GLN A 256 3.06 0.38 2.26
N ASN A 257 3.94 -0.59 2.01
CA ASN A 257 3.57 -2.00 2.22
C ASN A 257 3.84 -2.39 3.66
N TRP A 258 3.06 -1.76 4.55
CA TRP A 258 3.24 -1.82 6.00
C TRP A 258 3.01 -3.20 6.58
N LEU A 259 2.25 -4.08 5.92
CA LEU A 259 2.09 -5.43 6.47
C LEU A 259 3.41 -6.18 6.36
N ARG A 260 4.19 -5.90 5.28
CA ARG A 260 5.45 -6.63 5.11
C ARG A 260 6.46 -6.12 6.13
N ALA A 261 6.44 -4.80 6.40
CA ALA A 261 7.32 -4.23 7.42
C ALA A 261 7.00 -4.84 8.79
N ASN A 262 5.71 -4.97 9.12
CA ASN A 262 5.34 -5.56 10.39
C ASN A 262 5.76 -7.03 10.46
N LEU A 263 5.62 -7.76 9.36
CA LEU A 263 6.10 -9.15 9.35
C LEU A 263 7.59 -9.20 9.65
N ALA A 264 8.38 -8.34 9.00
CA ALA A 264 9.82 -8.32 9.21
C ALA A 264 10.18 -7.97 10.64
N LEU A 265 9.50 -7.00 11.25
CA LEU A 265 9.78 -6.62 12.64
C LEU A 265 9.63 -7.83 13.56
N ASN A 266 8.59 -8.64 13.32
CA ASN A 266 8.33 -9.76 14.20
C ASN A 266 9.08 -11.03 13.84
N GLU A 267 9.55 -11.15 12.60
CA GLU A 267 10.44 -12.25 12.21
C GLU A 267 11.92 -11.94 12.50
N HIS A 268 12.25 -10.67 12.68
CA HIS A 268 13.56 -10.17 13.04
C HIS A 268 14.72 -10.84 12.33
N PRO A 269 14.78 -10.79 11.00
CA PRO A 269 15.91 -11.40 10.29
C PRO A 269 17.15 -10.54 10.38
N TRP A 270 17.90 -10.77 11.48
CA TRP A 270 19.12 -10.00 11.73
C TRP A 270 20.11 -10.22 10.59
N TYR A 271 20.80 -9.19 10.12
CA TYR A 271 21.76 -9.42 9.02
C TYR A 271 23.11 -9.93 9.56
N GLN A 272 23.40 -9.67 10.83
CA GLN A 272 24.67 -10.11 11.40
C GLN A 272 24.71 -11.63 11.58
N ASN A 273 25.93 -12.17 11.56
CA ASN A 273 26.19 -13.57 11.87
C ASN A 273 26.01 -13.81 13.36
N LEU A 274 24.99 -14.56 13.76
CA LEU A 274 24.72 -14.83 15.18
C LEU A 274 25.15 -16.25 15.55
N ASP A 275 25.99 -16.85 14.71
CA ASP A 275 26.47 -18.20 15.01
C ASP A 275 27.12 -18.18 16.38
N GLY A 276 26.81 -19.14 17.25
CA GLY A 276 27.46 -19.20 18.56
C GLY A 276 26.72 -18.44 19.65
N TRP A 277 25.68 -17.69 19.30
CA TRP A 277 24.90 -16.96 20.30
C TRP A 277 24.07 -17.89 21.17
N ASP A 278 23.72 -17.40 22.35
CA ASP A 278 22.90 -18.18 23.28
C ASP A 278 21.54 -18.47 22.68
N SER A 279 21.04 -17.53 21.90
CA SER A 279 19.73 -17.58 21.28
C SER A 279 19.72 -16.51 20.18
N VAL A 280 18.68 -16.55 19.36
CA VAL A 280 18.47 -15.48 18.40
C VAL A 280 17.32 -14.63 18.92
N PRO A 281 17.62 -13.49 19.51
CA PRO A 281 16.62 -12.70 20.21
C PRO A 281 15.61 -12.07 19.26
N THR A 282 14.42 -11.86 19.78
CA THR A 282 13.46 -10.97 19.12
C THR A 282 13.94 -9.52 19.16
N LEU A 283 13.29 -8.64 18.40
CA LEU A 283 13.68 -7.23 18.46
C LEU A 283 13.45 -6.69 19.87
N GLN A 284 12.35 -7.09 20.54
CA GLN A 284 12.15 -6.56 21.90
C GLN A 284 13.26 -7.05 22.84
N ASP A 285 13.57 -8.35 22.75
CA ASP A 285 14.61 -8.84 23.66
C ASP A 285 15.96 -8.24 23.37
N MET A 286 16.27 -8.05 22.07
CA MET A 286 17.58 -7.44 21.75
C MET A 286 17.66 -6.05 22.35
N THR A 287 16.56 -5.32 22.31
CA THR A 287 16.50 -3.96 22.87
C THR A 287 16.63 -4.01 24.38
N PHE A 288 15.95 -4.95 25.03
CA PHE A 288 16.12 -5.18 26.46
C PHE A 288 17.56 -5.44 26.83
N ARG A 289 18.23 -6.32 26.07
CA ARG A 289 19.64 -6.62 26.36
C ARG A 289 20.50 -5.36 26.21
N LEU A 290 20.21 -4.51 25.21
CA LEU A 290 20.97 -3.29 25.01
C LEU A 290 20.92 -2.41 26.23
N LEU A 291 19.74 -2.31 26.83
CA LEU A 291 19.51 -1.38 27.93
C LEU A 291 19.92 -1.95 29.28
N THR A 292 20.13 -3.27 29.39
CA THR A 292 20.35 -3.86 30.70
C THR A 292 21.66 -4.61 30.83
N THR A 293 22.41 -4.80 29.74
CA THR A 293 23.69 -5.52 29.85
C THR A 293 24.71 -4.66 30.57
N GLY A 294 25.27 -5.11 31.68
CA GLY A 294 26.19 -4.26 32.42
C GLY A 294 27.59 -4.25 31.87
N GLY A 295 28.37 -3.25 32.30
CA GLY A 295 29.80 -3.22 32.11
C GLY A 295 30.24 -2.79 30.73
N LEU A 296 29.34 -2.16 29.99
CA LEU A 296 29.67 -1.68 28.65
C LEU A 296 30.12 -0.23 28.63
N ASN A 297 30.99 0.10 27.69
CA ASN A 297 31.45 1.48 27.57
C ASN A 297 30.72 2.16 26.42
N TRP A 298 30.93 3.47 26.29
CA TRP A 298 30.28 4.28 25.27
C TRP A 298 30.61 3.77 23.87
N GLY A 299 31.88 3.44 23.62
CA GLY A 299 32.29 3.00 22.29
C GLY A 299 31.49 1.76 21.88
N GLU A 300 31.39 0.79 22.80
CA GLU A 300 30.74 -0.48 22.50
C GLU A 300 29.24 -0.30 22.32
N PHE A 301 28.63 0.60 23.10
CA PHE A 301 27.19 0.85 23.04
C PHE A 301 26.83 1.55 21.73
N SER A 302 27.62 2.54 21.36
CA SER A 302 27.20 3.56 20.40
C SER A 302 27.32 3.17 18.94
N SER A 303 28.21 2.26 18.58
CA SER A 303 28.56 2.15 17.15
C SER A 303 29.01 0.77 16.75
N THR A 304 28.75 0.47 15.47
CA THR A 304 29.35 -0.69 14.81
C THR A 304 30.86 -0.56 14.69
N ARG A 305 31.46 0.61 14.90
CA ARG A 305 32.92 0.72 14.71
C ARG A 305 33.71 -0.02 15.78
N TYR A 306 33.09 -0.23 16.95
CA TYR A 306 33.91 -0.71 18.08
C TYR A 306 34.52 -2.06 17.77
N ASP A 307 33.69 -2.97 17.23
CA ASP A 307 34.23 -4.28 16.91
C ASP A 307 33.80 -4.65 15.49
N ASP A 308 34.57 -4.29 14.49
CA ASP A 308 34.33 -4.62 13.10
C ASP A 308 33.78 -6.04 12.89
N LYS A 309 34.39 -7.00 13.56
CA LYS A 309 34.15 -8.42 13.37
C LYS A 309 32.70 -8.81 13.61
N LYS A 310 32.02 -8.15 14.54
CA LYS A 310 30.61 -8.47 14.77
C LYS A 310 29.70 -8.13 13.59
N GLU A 311 30.16 -7.33 12.63
CA GLU A 311 29.32 -6.97 11.50
C GLU A 311 29.37 -7.99 10.37
N LYS A 323 28.77 -10.67 22.07
CA LYS A 323 28.58 -11.57 23.20
C LYS A 323 27.13 -11.50 23.67
N ASN A 324 26.21 -11.99 22.85
CA ASN A 324 24.83 -12.13 23.25
C ASN A 324 24.17 -10.78 23.49
N TRP A 325 24.74 -9.72 22.94
CA TRP A 325 24.04 -8.43 22.86
C TRP A 325 24.52 -7.73 21.59
N MET A 326 23.74 -6.76 21.15
CA MET A 326 24.02 -6.01 19.93
C MET A 326 23.99 -4.52 20.22
N ASN A 327 24.93 -3.75 19.67
CA ASN A 327 25.00 -2.32 19.94
C ASN A 327 23.84 -1.54 19.33
N LEU A 328 23.67 -0.30 19.79
CA LEU A 328 22.57 0.56 19.36
C LEU A 328 22.51 0.76 17.85
N GLU A 329 23.67 1.02 17.24
CA GLU A 329 23.69 1.32 15.81
C GLU A 329 23.29 0.08 15.00
N ALA A 330 23.80 -1.08 15.39
CA ALA A 330 23.49 -2.35 14.71
C ALA A 330 22.00 -2.64 14.81
N ILE A 331 21.40 -2.48 16.00
CA ILE A 331 19.96 -2.71 16.10
C ILE A 331 19.23 -1.75 15.15
N HIS A 332 19.59 -0.47 15.23
CA HIS A 332 19.01 0.57 14.38
C HIS A 332 19.13 0.24 12.90
N ASN A 333 20.22 -0.36 12.46
CA ASN A 333 20.43 -0.70 11.04
C ASN A 333 19.45 -1.78 10.63
N ASN A 334 19.26 -2.78 11.48
CA ASN A 334 18.28 -3.84 11.19
C ASN A 334 16.89 -3.23 11.10
N VAL A 335 16.51 -2.35 12.03
CA VAL A 335 15.16 -1.79 11.96
C VAL A 335 14.98 -0.99 10.69
N HIS A 336 15.99 -0.22 10.24
CA HIS A 336 15.91 0.43 8.93
C HIS A 336 15.59 -0.58 7.82
N ASN A 337 16.31 -1.70 7.83
CA ASN A 337 16.08 -2.71 6.78
C ASN A 337 14.66 -3.26 6.84
N TRP A 338 14.20 -3.55 8.05
CA TRP A 338 12.90 -4.23 8.20
C TRP A 338 11.76 -3.29 7.88
N VAL A 339 11.92 -1.98 8.11
CA VAL A 339 10.86 -1.02 7.75
C VAL A 339 10.85 -0.77 6.26
N GLY A 340 12.02 -0.59 5.65
CA GLY A 340 12.10 -0.12 4.28
C GLY A 340 11.97 -1.22 3.25
N GLY A 341 12.41 -2.43 3.60
CA GLY A 341 12.54 -3.51 2.65
C GLY A 341 13.97 -3.54 2.13
N PHE A 342 14.60 -4.70 2.26
CA PHE A 342 16.04 -4.81 2.04
C PHE A 342 16.41 -5.79 0.94
N MET A 343 15.43 -6.28 0.18
CA MET A 343 15.69 -7.23 -0.89
C MET A 343 15.04 -6.76 -2.20
N PHE A 344 15.83 -6.13 -3.06
CA PHE A 344 15.35 -5.69 -4.37
C PHE A 344 15.33 -6.88 -5.33
N SER A 345 16.42 -7.64 -5.34
CA SER A 345 16.48 -8.82 -6.20
C SER A 345 15.66 -9.95 -5.58
N ARG A 346 15.06 -10.77 -6.43
CA ARG A 346 14.18 -11.83 -5.94
C ARG A 346 14.99 -12.86 -5.17
N PRO A 347 14.60 -13.17 -3.95
CA PRO A 347 15.34 -14.17 -3.18
C PRO A 347 14.91 -15.58 -3.57
N GLY A 348 15.48 -16.57 -2.90
CA GLY A 348 15.00 -17.94 -2.98
C GLY A 348 13.55 -18.05 -2.57
N ARG A 349 12.90 -19.15 -2.97
CA ARG A 349 11.46 -19.25 -2.75
C ARG A 349 11.10 -19.18 -1.27
N HIS A 350 11.95 -19.73 -0.41
CA HIS A 350 11.68 -19.76 1.03
C HIS A 350 11.71 -18.38 1.67
N ASP A 351 12.21 -17.35 0.98
CA ASP A 351 12.26 -16.00 1.55
C ASP A 351 11.40 -14.99 0.79
N LEU A 352 10.57 -15.49 -0.13
CA LEU A 352 9.72 -14.62 -0.95
C LEU A 352 8.77 -13.77 -0.13
N LYS A 353 8.37 -14.22 1.04
CA LYS A 353 7.44 -13.48 1.86
C LYS A 353 8.00 -12.13 2.30
N LEU A 354 9.30 -11.87 2.23
CA LEU A 354 9.86 -10.56 2.60
C LEU A 354 10.49 -9.83 1.42
N TRP A 355 10.24 -10.28 0.19
CA TRP A 355 10.80 -9.60 -0.98
C TRP A 355 10.31 -8.16 -1.09
N GLY A 356 11.22 -7.25 -1.39
CA GLY A 356 10.96 -5.90 -1.81
C GLY A 356 11.89 -4.90 -1.15
N ALA A 357 12.18 -3.82 -1.88
CA ALA A 357 13.10 -2.81 -1.32
C ALA A 357 12.43 -1.45 -1.24
N GLY A 358 12.97 -0.60 -0.38
CA GLY A 358 12.39 0.75 -0.24
C GLY A 358 13.33 1.63 0.57
N HIS A 359 12.92 2.89 0.67
CA HIS A 359 13.81 3.97 1.06
C HIS A 359 14.50 3.73 2.40
N MET A 360 13.75 3.28 3.41
CA MET A 360 14.34 3.19 4.73
C MET A 360 15.54 2.25 4.83
N SER A 361 15.71 1.33 3.89
CA SER A 361 16.87 0.43 4.01
C SER A 361 18.13 0.99 3.36
N SER A 362 18.05 2.15 2.76
CA SER A 362 19.18 2.67 1.98
C SER A 362 19.63 3.99 2.58
N VAL A 363 20.84 4.03 3.14
CA VAL A 363 21.32 5.24 3.82
C VAL A 363 21.15 6.47 2.96
N PRO A 364 21.50 6.48 1.67
CA PRO A 364 21.38 7.72 0.90
C PRO A 364 19.98 8.30 0.85
N VAL A 365 18.91 7.51 1.02
CA VAL A 365 17.57 8.03 0.83
C VAL A 365 16.62 7.77 1.99
N ALA A 366 17.09 7.14 3.08
CA ALA A 366 16.19 6.76 4.16
C ALA A 366 15.47 7.95 4.78
N ALA A 367 16.14 9.11 4.86
CA ALA A 367 15.55 10.25 5.57
C ALA A 367 14.35 10.82 4.82
N TYR A 368 14.13 10.45 3.55
CA TYR A 368 12.94 10.95 2.84
C TYR A 368 11.68 10.32 3.40
N ASP A 369 11.77 9.12 3.98
CA ASP A 369 10.55 8.49 4.50
C ASP A 369 10.22 9.12 5.84
N PRO A 370 9.05 9.70 6.05
CA PRO A 370 8.77 10.38 7.32
C PRO A 370 8.95 9.50 8.56
N ILE A 371 8.84 8.16 8.46
CA ILE A 371 9.10 7.35 9.64
C ILE A 371 10.56 7.42 10.11
N PHE A 372 11.48 7.81 9.23
CA PHE A 372 12.89 7.97 9.58
C PHE A 372 13.02 8.70 10.90
N TRP A 373 12.33 9.83 11.02
CA TRP A 373 12.52 10.73 12.15
C TRP A 373 11.95 10.15 13.42
N LEU A 374 10.87 9.36 13.28
CA LEU A 374 10.23 8.70 14.43
C LEU A 374 11.09 7.56 14.95
N HIS A 375 11.70 6.84 14.01
CA HIS A 375 12.72 5.84 14.37
C HIS A 375 13.88 6.50 15.11
N HIS A 376 14.43 7.58 14.52
CA HIS A 376 15.56 8.21 15.19
C HIS A 376 15.16 8.88 16.49
N CYS A 377 13.91 9.29 16.65
CA CYS A 377 13.47 9.78 17.94
C CYS A 377 13.55 8.68 18.98
N ASN A 378 13.18 7.45 18.64
CA ASN A 378 13.38 6.36 19.60
C ASN A 378 14.85 5.99 19.77
N ILE A 379 15.69 6.08 18.74
CA ILE A 379 17.11 5.84 18.94
C ILE A 379 17.68 6.86 19.92
N ASP A 380 17.20 8.10 19.84
CA ASP A 380 17.61 9.13 20.80
C ASP A 380 17.17 8.78 22.21
N ARG A 381 15.94 8.30 22.35
CA ARG A 381 15.39 7.85 23.64
C ARG A 381 16.19 6.69 24.23
N LEU A 382 16.53 5.71 23.38
CA LEU A 382 17.33 4.58 23.86
C LEU A 382 18.70 5.06 24.33
N THR A 383 19.27 6.03 23.62
CA THR A 383 20.53 6.64 24.04
C THR A 383 20.34 7.30 25.41
N ALA A 384 19.27 8.09 25.59
CA ALA A 384 19.05 8.76 26.86
C ALA A 384 18.82 7.76 27.97
N ILE A 385 18.07 6.68 27.72
CA ILE A 385 17.91 5.62 28.73
C ILE A 385 19.25 5.04 29.14
N TRP A 386 20.06 4.68 28.13
CA TRP A 386 21.33 4.02 28.42
C TRP A 386 22.23 4.99 29.17
N GLN A 387 22.24 6.28 28.79
CA GLN A 387 23.05 7.25 29.52
C GLN A 387 22.61 7.30 31.00
N THR A 388 21.31 7.27 31.23
CA THR A 388 20.77 7.37 32.59
C THR A 388 21.29 6.25 33.48
N VAL A 389 21.37 5.03 32.93
CA VAL A 389 21.81 3.92 33.77
C VAL A 389 23.28 3.57 33.59
N ASN A 390 24.02 4.39 32.83
CA ASN A 390 25.47 4.25 32.65
C ASN A 390 26.14 5.60 32.74
N SER A 391 25.88 6.29 33.85
CA SER A 391 26.46 7.62 34.05
C SER A 391 27.98 7.54 33.95
N GLY A 392 28.57 8.53 33.28
CA GLY A 392 30.01 8.56 33.17
C GLY A 392 30.57 7.85 31.96
N SER A 393 29.74 7.04 31.29
CA SER A 393 30.19 6.35 30.08
C SER A 393 29.91 7.22 28.86
N TRP A 394 30.90 7.98 28.42
CA TRP A 394 30.67 9.04 27.44
C TRP A 394 32.00 9.41 26.77
N PHE A 395 32.24 8.84 25.60
CA PHE A 395 33.40 9.19 24.80
C PHE A 395 34.70 9.09 25.58
N ASN A 396 34.83 8.15 26.50
CA ASN A 396 35.98 8.13 27.39
C ASN A 396 36.64 6.77 27.44
N ASP A 397 36.20 5.80 26.63
CA ASP A 397 37.05 4.61 26.44
C ASP A 397 38.13 4.89 25.42
N ASP A 398 39.09 3.98 25.31
CA ASP A 398 40.27 4.23 24.48
C ASP A 398 39.93 4.40 23.02
N LYS A 399 38.83 3.80 22.56
CA LYS A 399 38.48 3.88 21.15
C LYS A 399 37.68 5.13 20.82
N SER A 400 36.69 5.45 21.65
CA SER A 400 35.76 6.52 21.28
C SER A 400 36.28 7.89 21.68
N LYS A 401 37.35 7.97 22.44
CA LYS A 401 37.76 9.29 22.95
C LYS A 401 38.21 10.19 21.80
N VAL A 402 38.75 9.62 20.72
CA VAL A 402 39.28 10.50 19.67
C VAL A 402 38.19 11.29 18.96
N SER A 403 36.98 10.77 18.94
CA SER A 403 35.86 11.37 18.21
C SER A 403 35.11 12.40 19.03
N LYS A 404 35.39 12.46 20.33
CA LYS A 404 34.56 13.26 21.23
C LYS A 404 34.41 14.68 20.70
N ASP A 405 35.49 15.27 20.19
CA ASP A 405 35.46 16.69 19.83
C ASP A 405 35.17 16.95 18.36
N ASP A 406 34.65 15.95 17.65
CA ASP A 406 34.33 16.19 16.25
C ASP A 406 33.23 17.23 16.08
N ASP A 407 33.39 18.14 15.12
CA ASP A 407 32.29 19.00 14.73
C ASP A 407 31.18 18.16 14.11
N LEU A 408 29.96 18.36 14.59
CA LEU A 408 28.80 17.66 14.03
C LEU A 408 28.19 18.50 12.93
N ARG A 409 28.95 18.59 11.83
CA ARG A 409 28.53 19.32 10.64
C ARG A 409 27.26 18.69 10.10
N PRO A 410 26.32 19.45 9.56
CA PRO A 410 26.39 20.88 9.29
C PRO A 410 25.68 21.76 10.30
N PHE A 411 25.56 21.30 11.54
CA PHE A 411 24.66 21.89 12.50
C PHE A 411 25.30 23.04 13.27
N HIS A 412 24.72 24.22 13.14
CA HIS A 412 25.25 25.43 13.77
C HIS A 412 24.50 25.77 15.06
N ARG A 413 25.24 26.34 16.00
CA ARG A 413 24.66 26.86 17.23
C ARG A 413 25.36 28.15 17.64
N PHE A 414 24.69 28.88 18.51
CA PHE A 414 25.27 30.08 19.09
C PHE A 414 25.91 29.69 20.42
N CYS A 415 27.20 29.92 20.55
CA CYS A 415 27.94 29.69 21.79
C CYS A 415 27.82 30.90 22.71
N GLU A 416 27.30 30.71 23.92
CA GLU A 416 27.01 31.85 24.78
C GLU A 416 28.24 32.30 25.56
N LYS A 417 29.19 31.38 25.69
CA LYS A 417 30.39 31.69 26.47
C LYS A 417 31.39 32.50 25.65
N THR A 418 31.25 32.46 24.33
CA THR A 418 32.18 33.11 23.41
C THR A 418 31.47 34.04 22.44
N ARG A 419 30.15 33.94 22.38
CA ARG A 419 29.33 34.78 21.51
C ARG A 419 29.65 34.56 20.03
N LYS A 420 29.84 33.29 19.66
CA LYS A 420 30.21 32.92 18.30
C LYS A 420 29.23 31.89 17.74
N VAL A 421 29.13 31.84 16.43
CA VAL A 421 28.49 30.73 15.72
C VAL A 421 29.52 29.61 15.53
N VAL A 422 29.16 28.42 15.99
CA VAL A 422 30.07 27.28 15.94
C VAL A 422 29.29 26.04 15.51
N PHE A 423 30.00 24.98 15.15
CA PHE A 423 29.29 23.71 14.99
C PHE A 423 28.95 23.09 16.35
N PHE A 424 27.87 22.35 16.42
CA PHE A 424 27.63 21.44 17.54
C PHE A 424 28.79 20.45 17.72
N ARG A 425 29.03 20.09 18.97
CA ARG A 425 29.92 19.02 19.40
C ARG A 425 29.14 18.09 20.31
N SER A 426 29.59 16.85 20.45
CA SER A 426 28.86 15.86 21.21
C SER A 426 28.62 16.30 22.63
N ASP A 427 29.62 16.93 23.29
CA ASP A 427 29.39 17.32 24.69
C ASP A 427 28.25 18.33 24.82
N ASP A 428 27.94 19.09 23.78
CA ASP A 428 26.84 20.06 23.80
C ASP A 428 25.50 19.40 24.03
N VAL A 429 25.39 18.12 23.62
CA VAL A 429 24.09 17.45 23.72
C VAL A 429 24.14 16.24 24.64
N LYS A 430 25.16 16.14 25.50
CA LYS A 430 25.20 15.04 26.47
C LYS A 430 23.95 15.04 27.33
N ASP A 431 23.54 16.24 27.78
CA ASP A 431 22.26 16.36 28.48
C ASP A 431 21.20 16.78 27.48
N TRP A 432 20.38 15.85 27.04
CA TRP A 432 19.37 16.14 26.02
C TRP A 432 18.42 17.20 26.53
N ARG A 433 18.31 17.37 27.85
CA ARG A 433 17.37 18.35 28.38
C ARG A 433 17.82 19.76 28.07
N SER A 434 19.09 19.92 27.70
CA SER A 434 19.53 21.27 27.32
C SER A 434 18.86 21.68 26.00
N LEU A 435 18.32 20.73 25.25
CA LEU A 435 17.59 21.01 24.00
C LEU A 435 16.10 21.15 24.26
N ASN A 436 15.72 21.18 25.53
CA ASN A 436 14.37 21.46 26.00
C ASN A 436 13.36 20.38 25.61
N TYR A 437 13.72 19.12 25.71
CA TYR A 437 12.79 18.01 25.64
C TYR A 437 13.24 16.95 26.64
N ASP A 438 12.32 16.03 26.91
CA ASP A 438 12.68 14.90 27.78
C ASP A 438 11.84 13.70 27.36
N TYR A 439 12.08 12.56 27.98
CA TYR A 439 11.28 11.35 27.80
C TYR A 439 10.65 10.96 29.14
N ALA A 440 9.43 10.47 29.13
CA ALA A 440 8.83 10.05 30.40
C ALA A 440 9.72 9.06 31.15
N ILE A 441 10.29 8.12 30.41
CA ILE A 441 11.07 7.07 31.03
C ILE A 441 12.32 7.58 31.73
N THR A 442 12.81 8.75 31.36
CA THR A 442 14.02 9.31 31.99
C THR A 442 13.68 10.36 33.04
N LYS A 443 12.40 10.53 33.40
CA LYS A 443 12.11 11.58 34.38
C LYS A 443 12.54 11.19 35.79
N ASP A 444 12.38 9.91 36.12
CA ASP A 444 12.59 9.42 37.48
C ASP A 444 13.58 8.26 37.50
N ALA A 445 14.79 8.57 38.01
CA ALA A 445 15.83 7.54 37.95
C ALA A 445 15.52 6.37 38.87
N SER A 446 14.62 6.54 39.81
CA SER A 446 14.25 5.43 40.67
C SER A 446 13.35 4.42 39.99
N ARG A 447 12.74 4.83 38.88
CA ARG A 447 11.70 4.04 38.23
C ARG A 447 12.22 3.38 36.96
N ILE A 448 13.34 3.88 36.43
CA ILE A 448 13.70 3.51 35.05
C ILE A 448 13.97 2.04 34.87
N ARG A 449 14.64 1.38 35.81
CA ARG A 449 14.99 -0.03 35.58
C ARG A 449 13.74 -0.89 35.57
N LYS A 450 12.78 -0.56 36.43
CA LYS A 450 11.49 -1.23 36.44
C LYS A 450 10.72 -0.99 35.14
N GLU A 451 10.70 0.25 34.65
CA GLU A 451 9.99 0.55 33.41
C GLU A 451 10.62 -0.20 32.23
N ILE A 452 11.95 -0.28 32.18
CA ILE A 452 12.58 -1.06 31.09
C ILE A 452 12.10 -2.49 31.10
N SER A 453 12.04 -3.09 32.31
CA SER A 453 11.55 -4.46 32.45
C SER A 453 10.08 -4.57 32.07
N ASP A 454 9.28 -3.61 32.52
CA ASP A 454 7.87 -3.66 32.17
C ASP A 454 7.62 -3.63 30.66
N LEU A 455 8.34 -2.75 29.96
CA LEU A 455 8.14 -2.58 28.53
C LEU A 455 8.82 -3.66 27.69
N TYR A 456 10.03 -4.05 28.05
CA TYR A 456 10.84 -4.85 27.10
C TYR A 456 11.30 -6.17 27.71
N GLY A 457 10.96 -6.48 28.96
CA GLY A 457 11.48 -7.70 29.56
C GLY A 457 10.51 -8.86 29.42
N GLY B 3 -37.03 6.33 -16.49
CA GLY B 3 -38.42 6.63 -16.80
C GLY B 3 -39.20 5.43 -17.26
N GLY B 4 -39.11 4.32 -16.53
CA GLY B 4 -39.80 3.11 -17.00
C GLY B 4 -39.05 2.53 -18.19
N SER B 5 -37.82 3.02 -18.36
CA SER B 5 -36.96 2.55 -19.44
C SER B 5 -35.93 1.58 -18.87
N PRO B 6 -36.17 0.29 -19.09
CA PRO B 6 -35.14 -0.69 -18.71
C PRO B 6 -33.88 -0.40 -19.52
N TYR B 7 -32.74 -0.77 -18.95
CA TYR B 7 -31.46 -0.49 -19.56
C TYR B 7 -31.03 -1.75 -20.30
N LEU B 8 -31.13 -1.71 -21.62
CA LEU B 8 -30.84 -2.93 -22.38
C LEU B 8 -29.35 -3.21 -22.41
N ILE B 9 -28.99 -4.45 -22.09
CA ILE B 9 -27.61 -4.90 -22.19
C ILE B 9 -27.42 -5.62 -23.51
N THR B 10 -26.55 -5.05 -24.33
CA THR B 10 -26.37 -5.50 -25.70
C THR B 10 -24.92 -5.79 -26.04
N GLY B 11 -24.02 -5.34 -25.19
CA GLY B 11 -22.61 -5.22 -25.58
C GLY B 11 -22.42 -3.93 -26.39
N ILE B 12 -21.17 -3.63 -26.72
CA ILE B 12 -20.91 -2.41 -27.52
C ILE B 12 -21.51 -2.58 -28.89
N PRO B 13 -22.16 -1.55 -29.43
CA PRO B 13 -22.88 -1.72 -30.69
C PRO B 13 -21.95 -2.14 -31.84
N LYS B 14 -22.51 -2.85 -32.81
CA LYS B 14 -21.70 -3.31 -33.94
C LYS B 14 -21.44 -2.21 -34.97
N ASP B 15 -20.19 -2.04 -35.35
CA ASP B 15 -19.77 -1.17 -36.45
C ASP B 15 -19.11 -2.10 -37.48
N PRO B 16 -19.59 -2.15 -38.71
CA PRO B 16 -19.06 -3.18 -39.62
C PRO B 16 -17.56 -2.99 -39.81
N LYS B 17 -17.05 -1.79 -39.53
CA LYS B 17 -15.61 -1.65 -39.77
C LYS B 17 -14.82 -1.98 -38.52
N HIS B 18 -15.48 -2.43 -37.47
CA HIS B 18 -14.85 -2.94 -36.26
C HIS B 18 -15.36 -4.34 -35.92
N PRO B 19 -15.07 -5.33 -36.74
CA PRO B 19 -15.56 -6.70 -36.52
C PRO B 19 -15.00 -7.35 -35.26
N LEU B 20 -15.88 -7.80 -34.37
CA LEU B 20 -15.59 -8.54 -33.16
C LEU B 20 -14.25 -8.15 -32.52
N PRO B 21 -14.19 -6.94 -31.97
CA PRO B 21 -12.97 -6.52 -31.25
C PRO B 21 -12.69 -7.40 -30.06
N ILE B 22 -11.37 -7.47 -29.73
CA ILE B 22 -10.97 -8.43 -28.69
C ILE B 22 -10.73 -7.75 -27.35
N ARG B 23 -11.11 -8.48 -26.31
CA ARG B 23 -10.70 -8.22 -24.93
C ARG B 23 -9.26 -8.68 -24.71
N LYS B 24 -8.35 -7.75 -24.45
CA LYS B 24 -6.92 -8.04 -24.40
C LYS B 24 -6.46 -8.32 -22.98
N ASP B 25 -5.31 -9.00 -22.87
CA ASP B 25 -4.66 -9.18 -21.58
C ASP B 25 -4.28 -7.80 -21.06
N ILE B 26 -4.70 -7.46 -19.85
CA ILE B 26 -4.50 -6.09 -19.36
C ILE B 26 -3.05 -5.68 -19.23
N ASP B 27 -2.13 -6.61 -18.96
CA ASP B 27 -0.72 -6.24 -18.92
C ASP B 27 -0.21 -5.95 -20.32
N ASP B 28 -0.56 -6.80 -21.31
CA ASP B 28 -0.14 -6.53 -22.68
C ASP B 28 -0.71 -5.20 -23.17
N TRP B 29 -1.97 -4.96 -22.84
CA TRP B 29 -2.67 -3.74 -23.26
C TRP B 29 -2.03 -2.52 -22.63
N TYR B 30 -1.74 -2.58 -21.32
CA TYR B 30 -1.14 -1.42 -20.66
C TYR B 30 0.25 -1.14 -21.21
N LEU B 31 1.06 -2.20 -21.40
CA LEU B 31 2.42 -2.04 -21.92
C LEU B 31 2.42 -1.48 -23.35
N GLU B 32 1.43 -1.87 -24.16
CA GLU B 32 1.26 -1.32 -25.49
C GLU B 32 0.88 0.16 -25.42
N GLN B 33 -0.12 0.48 -24.59
CA GLN B 33 -0.64 1.85 -24.48
C GLN B 33 0.40 2.85 -24.02
N THR B 34 1.34 2.37 -23.22
CA THR B 34 2.38 3.22 -22.64
C THR B 34 3.68 3.14 -23.44
N SER B 35 3.69 2.45 -24.57
CA SER B 35 4.85 2.43 -25.45
C SER B 35 4.81 3.58 -26.43
N ALA B 36 5.99 3.94 -26.95
CA ALA B 36 6.09 5.13 -27.79
C ALA B 36 5.36 4.93 -29.12
N GLY B 37 5.08 3.69 -29.49
CA GLY B 37 4.40 3.39 -30.75
C GLY B 37 2.89 3.38 -30.61
N SER B 38 2.33 3.79 -29.48
CA SER B 38 0.91 3.90 -29.24
C SER B 38 0.51 5.37 -29.09
N ASN B 39 -0.73 5.67 -29.45
CA ASN B 39 -1.31 7.00 -29.24
C ASN B 39 -1.83 7.14 -27.80
N ARG B 40 -1.85 6.09 -26.99
CA ARG B 40 -2.25 6.15 -25.57
C ARG B 40 -3.72 6.47 -25.40
N ILE B 41 -4.52 6.43 -26.47
CA ILE B 41 -5.89 6.93 -26.39
C ILE B 41 -6.76 5.94 -25.63
N GLN B 42 -6.61 4.63 -25.86
CA GLN B 42 -7.47 3.70 -25.13
C GLN B 42 -7.24 3.80 -23.62
N LEU B 43 -5.98 3.88 -23.20
CA LEU B 43 -5.72 4.03 -21.77
C LEU B 43 -6.35 5.29 -21.21
N THR B 44 -6.21 6.40 -21.95
CA THR B 44 -6.82 7.64 -21.51
C THR B 44 -8.32 7.48 -21.40
N LEU B 45 -8.92 6.90 -22.45
CA LEU B 45 -10.38 6.74 -22.44
C LEU B 45 -10.84 5.89 -21.27
N PHE B 46 -10.18 4.76 -21.02
CA PHE B 46 -10.62 3.89 -19.92
C PHE B 46 -10.52 4.61 -18.58
N VAL B 47 -9.38 5.27 -18.37
CA VAL B 47 -9.18 5.98 -17.11
C VAL B 47 -10.20 7.11 -16.92
N GLU B 48 -10.41 7.90 -17.97
CA GLU B 48 -11.31 9.07 -17.85
C GLU B 48 -12.76 8.61 -17.67
N ALA B 49 -13.15 7.59 -18.44
CA ALA B 49 -14.52 7.08 -18.38
C ALA B 49 -14.80 6.43 -17.03
N LEU B 50 -13.87 5.58 -16.57
CA LEU B 50 -14.14 4.92 -15.30
C LEU B 50 -14.12 5.91 -14.14
N THR B 51 -13.29 6.95 -14.22
CA THR B 51 -13.36 8.02 -13.22
C THR B 51 -14.74 8.68 -13.18
N VAL B 52 -15.30 9.04 -14.34
CA VAL B 52 -16.64 9.61 -14.42
C VAL B 52 -17.66 8.68 -13.79
N ILE B 53 -17.62 7.40 -14.16
CA ILE B 53 -18.56 6.42 -13.64
C ILE B 53 -18.46 6.28 -12.13
N GLN B 54 -17.25 6.31 -11.61
CA GLN B 54 -17.08 6.19 -10.15
C GLN B 54 -17.61 7.43 -9.41
N ASN B 55 -17.63 8.58 -10.09
CA ASN B 55 -18.08 9.83 -9.46
C ASN B 55 -19.55 10.12 -9.67
N ARG B 56 -20.27 9.27 -10.40
CA ARG B 56 -21.72 9.44 -10.50
C ARG B 56 -22.40 9.21 -9.16
N PRO B 57 -23.52 9.89 -8.92
CA PRO B 57 -24.21 9.77 -7.64
C PRO B 57 -24.95 8.45 -7.46
N LEU B 58 -25.35 8.18 -6.22
CA LEU B 58 -25.98 6.93 -5.83
C LEU B 58 -27.32 6.72 -6.52
N ASN B 59 -28.05 7.78 -6.86
CA ASN B 59 -29.34 7.57 -7.52
C ASN B 59 -29.17 7.38 -9.02
N ASP B 60 -27.93 7.37 -9.50
CA ASP B 60 -27.63 7.01 -10.88
C ASP B 60 -27.32 5.52 -10.95
N GLN B 61 -28.20 4.73 -11.56
CA GLN B 61 -28.00 3.28 -11.51
C GLN B 61 -26.83 2.83 -12.38
N LEU B 62 -26.23 3.76 -13.13
CA LEU B 62 -25.03 3.46 -13.89
C LEU B 62 -23.78 4.06 -13.25
N SER B 63 -23.90 4.48 -11.97
CA SER B 63 -22.71 4.79 -11.19
C SER B 63 -21.94 3.51 -10.85
N TYR B 64 -20.65 3.66 -10.58
CA TYR B 64 -19.85 2.50 -10.18
C TYR B 64 -20.44 1.79 -8.96
N PHE B 65 -20.79 2.58 -7.96
CA PHE B 65 -21.32 1.98 -6.74
C PHE B 65 -22.55 1.13 -7.04
N ARG B 66 -23.47 1.67 -7.85
CA ARG B 66 -24.72 0.92 -8.11
C ARG B 66 -24.47 -0.30 -9.00
N LEU B 67 -23.52 -0.20 -9.94
CA LEU B 67 -23.17 -1.35 -10.75
C LEU B 67 -22.56 -2.45 -9.88
N ALA B 68 -21.61 -2.10 -9.01
CA ALA B 68 -21.05 -3.08 -8.09
C ALA B 68 -22.12 -3.60 -7.14
N GLY B 69 -23.08 -2.73 -6.82
CA GLY B 69 -24.18 -3.14 -5.94
C GLY B 69 -25.08 -4.22 -6.50
N ILE B 70 -25.10 -4.42 -7.81
CA ILE B 70 -25.88 -5.51 -8.39
C ILE B 70 -25.44 -6.85 -7.81
N HIS B 71 -24.15 -6.96 -7.55
CA HIS B 71 -23.62 -8.29 -7.18
C HIS B 71 -24.09 -8.76 -5.81
N GLY B 72 -24.04 -7.82 -4.85
CA GLY B 72 -24.26 -8.15 -3.46
C GLY B 72 -24.76 -6.99 -2.64
N ALA B 73 -24.10 -6.67 -1.53
CA ALA B 73 -24.51 -5.58 -0.65
C ALA B 73 -24.43 -4.26 -1.39
N PRO B 74 -25.28 -3.28 -1.12
CA PRO B 74 -26.29 -3.28 -0.06
C PRO B 74 -27.64 -3.89 -0.41
N TRP B 75 -27.69 -4.75 -1.41
CA TRP B 75 -28.86 -5.55 -1.74
C TRP B 75 -30.08 -4.70 -2.05
N THR B 76 -29.92 -3.72 -2.94
CA THR B 76 -31.01 -2.90 -3.39
C THR B 76 -31.50 -3.28 -4.78
N GLU B 77 -32.60 -2.60 -5.16
CA GLU B 77 -33.11 -2.74 -6.52
C GLU B 77 -32.06 -2.29 -7.54
N TRP B 78 -32.21 -2.80 -8.77
CA TRP B 78 -31.46 -2.25 -9.90
C TRP B 78 -32.34 -2.39 -11.16
N ASP B 79 -32.39 -1.38 -12.01
CA ASP B 79 -33.17 -1.35 -13.24
C ASP B 79 -34.62 -1.73 -13.03
N GLY B 80 -35.24 -1.32 -11.92
CA GLY B 80 -36.61 -1.64 -11.60
C GLY B 80 -36.88 -3.05 -11.15
N VAL B 81 -35.83 -3.83 -10.90
CA VAL B 81 -35.94 -5.17 -10.34
C VAL B 81 -35.66 -5.15 -8.85
N PRO B 82 -36.58 -5.65 -8.03
CA PRO B 82 -36.48 -5.45 -6.59
C PRO B 82 -35.29 -6.21 -6.00
N GLY B 83 -34.68 -5.62 -4.99
CA GLY B 83 -33.63 -6.25 -4.21
C GLY B 83 -34.20 -6.76 -2.89
N GLY B 84 -33.40 -6.70 -1.84
CA GLY B 84 -33.79 -7.19 -0.53
C GLY B 84 -34.16 -8.67 -0.53
N GLN B 85 -33.46 -9.45 -1.36
CA GLN B 85 -33.72 -10.90 -1.39
C GLN B 85 -33.03 -11.58 -0.20
N GLY B 90 -33.29 -16.96 6.22
CA GLY B 90 -33.44 -15.55 5.97
C GLY B 90 -32.12 -14.79 5.99
N ASN B 91 -31.18 -15.19 5.15
CA ASN B 91 -29.91 -14.50 4.93
C ASN B 91 -29.92 -13.62 3.68
N PRO B 92 -29.55 -12.35 3.83
CA PRO B 92 -29.61 -11.38 2.73
C PRO B 92 -28.73 -11.79 1.55
N THR B 93 -29.19 -11.51 0.32
CA THR B 93 -28.36 -11.96 -0.81
C THR B 93 -28.63 -11.10 -2.03
N GLY B 94 -27.70 -11.15 -2.98
CA GLY B 94 -27.76 -10.26 -4.12
C GLY B 94 -28.22 -10.99 -5.37
N PHE B 95 -28.14 -10.31 -6.51
CA PHE B 95 -28.53 -10.87 -7.78
C PHE B 95 -27.51 -11.89 -8.29
N ALA B 96 -26.26 -11.79 -7.85
CA ALA B 96 -25.24 -12.68 -8.39
C ALA B 96 -25.59 -14.15 -8.15
N VAL B 97 -25.28 -14.97 -9.15
CA VAL B 97 -25.43 -16.41 -9.01
C VAL B 97 -24.10 -17.03 -8.58
N HIS B 98 -24.12 -17.67 -7.42
CA HIS B 98 -23.00 -18.48 -6.96
C HIS B 98 -23.56 -19.87 -6.62
N ASN B 99 -22.70 -20.86 -6.75
CA ASN B 99 -23.03 -22.25 -6.44
C ASN B 99 -24.25 -22.69 -7.23
N ASN B 100 -24.29 -22.30 -8.50
CA ASN B 100 -25.26 -22.90 -9.43
C ASN B 100 -24.67 -22.84 -10.85
N TYR B 101 -25.20 -23.62 -11.76
CA TYR B 101 -24.61 -23.87 -13.08
C TYR B 101 -24.69 -22.68 -14.01
N THR B 102 -25.50 -21.69 -13.64
CA THR B 102 -25.58 -20.40 -14.32
C THR B 102 -24.56 -19.43 -13.76
N PHE B 103 -23.67 -19.86 -12.87
CA PHE B 103 -22.58 -18.98 -12.42
C PHE B 103 -21.85 -18.34 -13.58
N PRO B 104 -21.37 -19.08 -14.58
CA PRO B 104 -20.62 -18.43 -15.67
C PRO B 104 -21.45 -17.50 -16.55
N THR B 105 -22.73 -17.87 -16.77
CA THR B 105 -23.55 -17.07 -17.70
C THR B 105 -24.10 -15.80 -17.06
N TRP B 106 -24.47 -15.88 -15.78
CA TRP B 106 -24.86 -14.66 -15.06
C TRP B 106 -23.71 -13.65 -15.12
N HIS B 107 -22.50 -14.13 -14.83
CA HIS B 107 -21.34 -13.24 -14.80
C HIS B 107 -20.93 -12.80 -16.20
N ARG B 108 -21.18 -13.62 -17.22
CA ARG B 108 -20.93 -13.17 -18.60
C ARG B 108 -21.73 -11.91 -18.91
N VAL B 109 -23.01 -11.90 -18.49
CA VAL B 109 -23.84 -10.71 -18.73
C VAL B 109 -23.38 -9.51 -17.89
N TYR B 110 -23.01 -9.81 -16.65
CA TYR B 110 -22.59 -8.75 -15.74
C TYR B 110 -21.36 -8.02 -16.26
N VAL B 111 -20.36 -8.76 -16.73
CA VAL B 111 -19.13 -8.16 -17.26
C VAL B 111 -19.44 -7.34 -18.50
N THR B 112 -20.36 -7.82 -19.33
CA THR B 112 -20.76 -7.05 -20.52
C THR B 112 -21.45 -5.74 -20.16
N LEU B 113 -22.33 -5.76 -19.16
CA LEU B 113 -22.93 -4.53 -18.66
C LEU B 113 -21.85 -3.50 -18.32
N TYR B 114 -20.83 -3.90 -17.57
CA TYR B 114 -19.76 -2.99 -17.13
C TYR B 114 -19.03 -2.41 -18.34
N GLU B 115 -18.66 -3.32 -19.24
CA GLU B 115 -17.95 -2.90 -20.46
C GLU B 115 -18.77 -1.90 -21.27
N GLN B 116 -20.07 -2.14 -21.40
CA GLN B 116 -20.94 -1.27 -22.20
C GLN B 116 -21.11 0.10 -21.56
N VAL B 117 -21.25 0.13 -20.24
CA VAL B 117 -21.38 1.43 -19.54
C VAL B 117 -20.11 2.23 -19.70
N ILE B 118 -18.96 1.57 -19.60
CA ILE B 118 -17.67 2.28 -19.80
C ILE B 118 -17.60 2.83 -21.22
N TYR B 119 -17.94 2.01 -22.23
CA TYR B 119 -17.92 2.50 -23.61
C TYR B 119 -18.79 3.73 -23.78
N GLU B 120 -20.00 3.67 -23.21
CA GLU B 120 -20.87 4.84 -23.34
C GLU B 120 -20.30 6.07 -22.68
N ALA B 121 -19.58 5.89 -21.55
CA ALA B 121 -18.95 7.04 -20.91
C ALA B 121 -17.76 7.52 -21.73
N MET B 122 -17.07 6.62 -22.44
CA MET B 122 -16.01 7.06 -23.36
C MET B 122 -16.58 7.99 -24.43
N LEU B 123 -17.72 7.65 -25.01
CA LEU B 123 -18.30 8.46 -26.07
C LEU B 123 -18.66 9.84 -25.53
N ASP B 124 -19.18 9.88 -24.30
CA ASP B 124 -19.47 11.16 -23.67
C ASP B 124 -18.21 12.02 -23.49
N PHE B 125 -17.14 11.37 -23.06
CA PHE B 125 -15.89 12.09 -22.81
C PHE B 125 -15.39 12.67 -24.12
N ILE B 126 -15.48 11.89 -25.19
CA ILE B 126 -14.98 12.39 -26.49
C ILE B 126 -15.77 13.60 -26.95
N LYS B 127 -17.09 13.52 -26.85
CA LYS B 127 -17.93 14.65 -27.30
C LYS B 127 -17.54 15.95 -26.58
N GLN B 128 -17.13 15.81 -25.33
CA GLN B 128 -16.99 16.99 -24.48
C GLN B 128 -15.56 17.48 -24.37
N ASN B 129 -14.59 16.66 -24.71
CA ASN B 129 -13.20 17.00 -24.41
C ASN B 129 -12.24 16.93 -25.58
N VAL B 130 -12.64 16.33 -26.70
CA VAL B 130 -11.65 16.09 -27.77
C VAL B 130 -11.81 17.15 -28.85
N PRO B 131 -10.74 17.73 -29.39
CA PRO B 131 -10.90 18.68 -30.49
C PRO B 131 -11.73 18.04 -31.61
N GLN B 132 -12.53 18.86 -32.29
CA GLN B 132 -13.42 18.32 -33.32
C GLN B 132 -12.71 17.44 -34.31
N ASN B 133 -11.55 17.88 -34.78
CA ASN B 133 -10.84 17.13 -35.82
C ASN B 133 -10.25 15.82 -35.29
N GLY B 134 -10.19 15.63 -33.97
CA GLY B 134 -9.69 14.40 -33.39
C GLY B 134 -10.79 13.42 -33.00
N LYS B 135 -12.05 13.88 -33.03
CA LYS B 135 -13.10 13.02 -32.49
C LYS B 135 -13.20 11.72 -33.27
N ALA B 136 -13.03 11.73 -34.58
CA ALA B 136 -13.16 10.48 -35.33
C ALA B 136 -12.12 9.47 -34.87
N ASP B 137 -10.87 9.93 -34.71
CA ASP B 137 -9.82 9.00 -34.27
C ASP B 137 -10.13 8.46 -32.88
N TRP B 138 -10.56 9.34 -31.98
CA TRP B 138 -10.83 8.88 -30.62
C TRP B 138 -12.01 7.93 -30.59
N GLU B 139 -13.05 8.24 -31.35
CA GLU B 139 -14.22 7.35 -31.45
C GLU B 139 -13.81 5.98 -31.97
N ASN B 140 -12.94 5.94 -32.96
CA ASN B 140 -12.49 4.64 -33.48
C ASN B 140 -11.68 3.87 -32.44
N GLU B 141 -10.94 4.56 -31.58
CA GLU B 141 -10.26 3.84 -30.51
C GLU B 141 -11.26 3.31 -29.49
N ALA B 142 -12.28 4.11 -29.14
CA ALA B 142 -13.33 3.61 -28.27
C ALA B 142 -14.00 2.38 -28.87
N LYS B 143 -14.28 2.40 -30.17
CA LYS B 143 -14.92 1.26 -30.81
C LYS B 143 -14.05 0.02 -30.90
N GLN B 144 -12.72 0.18 -30.80
CA GLN B 144 -11.84 -0.98 -30.76
C GLN B 144 -11.69 -1.48 -29.32
N TRP B 145 -11.87 -0.60 -28.34
CA TRP B 145 -11.59 -0.97 -26.95
C TRP B 145 -12.58 -2.02 -26.46
N ARG B 146 -12.11 -3.00 -25.72
CA ARG B 146 -12.96 -3.92 -24.96
C ARG B 146 -12.36 -4.08 -23.57
N LEU B 147 -13.15 -4.55 -22.63
CA LEU B 147 -12.67 -4.65 -21.25
C LEU B 147 -11.49 -5.62 -21.17
N PRO B 148 -10.31 -5.16 -20.76
CA PRO B 148 -9.21 -6.11 -20.67
C PRO B 148 -9.46 -7.17 -19.61
N TYR B 149 -8.79 -8.32 -19.76
CA TYR B 149 -8.87 -9.35 -18.74
C TYR B 149 -7.56 -9.44 -17.98
N TRP B 150 -7.64 -9.82 -16.69
CA TRP B 150 -6.45 -10.13 -15.92
C TRP B 150 -6.16 -11.64 -16.02
N ASP B 151 -5.05 -11.97 -16.65
CA ASP B 151 -4.71 -13.39 -16.79
C ASP B 151 -3.98 -13.86 -15.53
N PHE B 152 -4.77 -14.31 -14.54
CA PHE B 152 -4.20 -14.65 -13.24
C PHE B 152 -3.36 -15.92 -13.31
N ALA B 153 -3.44 -16.66 -14.42
CA ALA B 153 -2.69 -17.92 -14.53
C ALA B 153 -1.47 -17.78 -15.43
N ARG B 154 -1.21 -16.61 -16.00
CA ARG B 154 -0.08 -16.40 -16.91
C ARG B 154 1.09 -15.77 -16.17
N PHE B 155 2.30 -16.29 -16.34
CA PHE B 155 3.46 -15.65 -15.71
C PHE B 155 3.67 -14.24 -16.28
N ALA B 156 3.87 -13.27 -15.39
CA ALA B 156 4.04 -11.88 -15.77
C ALA B 156 5.33 -11.67 -16.57
N ARG B 157 5.33 -10.66 -17.43
CA ARG B 157 6.50 -10.31 -18.23
C ARG B 157 7.58 -9.73 -17.33
N HIS B 158 8.84 -10.06 -17.54
CA HIS B 158 9.81 -9.51 -16.57
C HIS B 158 11.00 -8.95 -17.34
N GLY B 159 10.72 -8.35 -18.49
CA GLY B 159 11.69 -7.60 -19.27
C GLY B 159 12.84 -8.45 -19.77
N ASP B 166 9.54 -16.99 -12.68
CA ASP B 166 8.19 -17.45 -13.03
C ASP B 166 7.20 -17.01 -11.98
N GLU B 167 6.46 -15.94 -12.16
CA GLU B 167 5.66 -15.37 -11.08
C GLU B 167 4.32 -14.92 -11.63
N LEU B 168 3.23 -15.33 -11.00
CA LEU B 168 1.91 -14.77 -11.26
C LEU B 168 1.81 -13.43 -10.51
N ARG B 169 1.12 -12.46 -11.08
CA ARG B 169 1.08 -11.13 -10.49
C ARG B 169 -0.27 -10.47 -10.73
N LEU B 170 -0.68 -9.60 -9.80
CA LEU B 170 -1.75 -8.66 -10.14
C LEU B 170 -1.34 -7.81 -11.33
N PRO B 171 -2.30 -7.27 -12.08
CA PRO B 171 -1.95 -6.40 -13.18
C PRO B 171 -1.05 -5.22 -12.80
N ILE B 172 -0.12 -4.90 -13.70
CA ILE B 172 0.68 -3.69 -13.49
C ILE B 172 -0.17 -2.50 -13.09
N LEU B 173 -1.18 -2.23 -13.91
CA LEU B 173 -1.96 -1.01 -13.76
C LEU B 173 -2.73 -1.05 -12.45
N VAL B 174 -3.16 -2.24 -11.99
CA VAL B 174 -3.91 -2.32 -10.73
C VAL B 174 -3.04 -1.91 -9.56
N THR B 175 -1.72 -2.05 -9.67
CA THR B 175 -0.81 -1.79 -8.55
C THR B 175 -0.31 -0.35 -8.54
N MET B 176 -0.76 0.51 -9.45
CA MET B 176 -0.27 1.89 -9.55
C MET B 176 -1.28 2.86 -8.92
N PRO B 177 -0.89 3.62 -7.90
CA PRO B 177 -1.85 4.59 -7.33
C PRO B 177 -2.27 5.68 -8.31
N MET B 178 -1.34 6.09 -9.17
CA MET B 178 -1.55 7.15 -10.15
C MET B 178 -1.27 6.63 -11.54
N VAL B 179 -1.87 7.27 -12.55
CA VAL B 179 -1.65 6.82 -13.94
C VAL B 179 -1.64 8.07 -14.82
N LYS B 180 -0.80 8.08 -15.85
CA LYS B 180 -0.68 9.24 -16.73
C LYS B 180 -1.54 9.04 -17.98
N VAL B 181 -2.28 10.08 -18.29
CA VAL B 181 -3.17 10.08 -19.44
C VAL B 181 -2.86 11.25 -20.35
N LEU B 182 -3.34 11.17 -21.58
CA LEU B 182 -3.22 12.28 -22.53
C LEU B 182 -4.13 13.44 -22.10
N VAL B 183 -3.67 14.63 -22.41
CA VAL B 183 -4.53 15.80 -22.50
C VAL B 183 -4.96 15.98 -23.95
N PRO B 184 -6.21 15.72 -24.31
CA PRO B 184 -6.58 15.72 -25.73
C PRO B 184 -6.12 16.98 -26.45
N GLY B 185 -5.49 16.85 -27.62
CA GLY B 185 -5.08 18.00 -28.40
C GLY B 185 -3.69 18.51 -28.05
N GLN B 186 -3.08 18.01 -26.98
CA GLN B 186 -1.80 18.49 -26.50
C GLN B 186 -0.73 17.39 -26.53
N PRO B 187 -0.20 17.13 -27.73
CA PRO B 187 0.83 16.10 -27.87
C PRO B 187 1.94 16.26 -26.83
N GLY B 188 2.40 15.17 -26.24
CA GLY B 188 3.46 15.15 -25.25
C GLY B 188 2.94 15.52 -23.86
N LYS B 189 1.85 16.30 -23.84
CA LYS B 189 1.25 16.63 -22.56
C LYS B 189 0.52 15.40 -22.01
N GLN B 190 1.06 14.90 -20.91
CA GLN B 190 0.38 13.88 -20.14
C GLN B 190 0.07 14.46 -18.77
N LEU B 191 -0.98 13.96 -18.13
CA LEU B 191 -1.22 14.38 -16.74
C LEU B 191 -1.42 13.16 -15.86
N SER B 192 -0.82 13.18 -14.68
CA SER B 192 -0.94 12.12 -13.70
C SER B 192 -2.22 12.30 -12.88
N LYS B 193 -3.07 11.30 -12.82
CA LYS B 193 -4.36 11.34 -12.15
C LYS B 193 -4.51 10.09 -11.27
N PRO B 194 -5.36 10.18 -10.26
CA PRO B 194 -5.65 9.00 -9.44
C PRO B 194 -6.15 7.88 -10.33
N ASN B 195 -5.63 6.68 -10.09
CA ASN B 195 -5.96 5.56 -10.98
C ASN B 195 -7.25 4.89 -10.56
N PRO B 196 -8.31 4.93 -11.36
CA PRO B 196 -9.59 4.35 -10.90
C PRO B 196 -9.57 2.83 -10.85
N LEU B 197 -8.53 2.18 -11.35
CA LEU B 197 -8.42 0.73 -11.26
C LEU B 197 -7.73 0.29 -9.97
N TYR B 198 -7.11 1.21 -9.25
CA TYR B 198 -6.31 0.87 -8.07
C TYR B 198 -7.17 0.50 -6.86
N ARG B 199 -8.31 1.17 -6.74
CA ARG B 199 -9.25 0.98 -5.64
C ARG B 199 -10.51 1.76 -5.97
N PHE B 200 -11.55 1.58 -5.16
CA PHE B 200 -12.73 2.43 -5.20
C PHE B 200 -12.98 2.98 -3.81
N GLN B 201 -13.26 4.29 -3.76
CA GLN B 201 -13.58 4.84 -2.42
C GLN B 201 -14.77 5.78 -2.57
N MET B 202 -15.50 5.93 -1.48
CA MET B 202 -16.62 6.86 -1.38
C MET B 202 -16.10 8.09 -0.63
N GLN B 203 -16.90 9.12 -0.40
CA GLN B 203 -16.43 10.33 0.24
C GLN B 203 -16.54 10.27 1.76
N THR B 204 -17.08 9.19 2.27
CA THR B 204 -17.29 8.92 3.68
C THR B 204 -17.12 7.42 3.91
N LEU B 205 -17.12 6.99 5.17
CA LEU B 205 -17.12 5.54 5.39
C LEU B 205 -18.35 4.92 4.77
N MET B 206 -18.18 3.73 4.20
CA MET B 206 -19.29 3.16 3.45
C MET B 206 -20.47 2.78 4.33
N GLY B 207 -20.26 2.59 5.62
CA GLY B 207 -21.36 2.22 6.52
C GLY B 207 -22.22 3.42 6.86
N THR B 208 -21.87 4.62 6.39
CA THR B 208 -22.69 5.81 6.69
C THR B 208 -23.39 6.38 5.48
N LEU B 209 -23.36 5.66 4.35
CA LEU B 209 -24.05 6.19 3.17
C LEU B 209 -25.54 6.32 3.44
N GLU B 210 -26.21 7.23 2.72
CA GLU B 210 -27.64 7.45 2.82
C GLU B 210 -28.40 6.13 2.64
N ARG B 211 -29.44 5.90 3.42
CA ARG B 211 -30.28 4.71 3.23
C ARG B 211 -30.87 4.75 1.83
N PRO B 212 -31.02 3.62 1.15
CA PRO B 212 -30.71 2.29 1.63
C PRO B 212 -29.35 1.72 1.23
N TYR B 213 -28.37 2.58 0.94
CA TYR B 213 -27.10 2.19 0.35
C TYR B 213 -25.98 1.85 1.32
N ALA B 214 -26.14 2.00 2.63
CA ALA B 214 -25.04 1.75 3.55
C ALA B 214 -24.51 0.33 3.43
N ILE B 215 -23.18 0.22 3.45
CA ILE B 215 -22.52 -1.08 3.45
C ILE B 215 -22.31 -1.49 4.90
N THR B 216 -22.87 -2.62 5.29
CA THR B 216 -22.73 -3.08 6.67
C THR B 216 -21.47 -3.91 6.82
N SER B 217 -21.08 -4.20 8.06
CA SER B 217 -20.15 -5.30 8.30
C SER B 217 -20.70 -6.59 7.71
N GLN B 218 -19.82 -7.56 7.47
CA GLN B 218 -20.24 -8.82 6.84
C GLN B 218 -19.66 -9.98 7.61
N LYS B 219 -20.50 -10.99 7.88
CA LYS B 219 -20.00 -12.12 8.65
C LYS B 219 -19.05 -12.96 7.81
N THR B 220 -18.08 -13.50 8.54
CA THR B 220 -17.21 -14.54 8.03
C THR B 220 -16.89 -15.55 9.11
N GLU B 221 -16.53 -16.76 8.73
CA GLU B 221 -16.10 -17.73 9.74
C GLU B 221 -14.61 -17.98 9.55
N GLU B 222 -13.83 -17.88 10.63
CA GLU B 222 -12.40 -18.21 10.59
C GLU B 222 -12.09 -19.08 11.79
N HIS B 223 -11.39 -20.18 11.57
CA HIS B 223 -11.09 -21.20 12.58
C HIS B 223 -12.24 -21.38 13.56
N GLY B 224 -13.42 -21.65 13.01
CA GLY B 224 -14.58 -22.11 13.76
C GLY B 224 -15.29 -21.01 14.52
N TRP B 225 -14.90 -19.77 14.24
CA TRP B 225 -15.42 -18.63 14.97
C TRP B 225 -15.98 -17.59 14.00
N SER B 226 -17.07 -16.94 14.40
CA SER B 226 -17.65 -15.89 13.56
C SER B 226 -16.96 -14.56 13.85
N PHE B 227 -16.66 -13.82 12.80
CA PHE B 227 -16.12 -12.48 12.85
C PHE B 227 -16.94 -11.53 11.98
N ASP B 228 -16.97 -10.27 12.39
CA ASP B 228 -17.58 -9.24 11.56
C ASP B 228 -16.49 -8.52 10.78
N LEU B 229 -16.46 -8.78 9.47
CA LEU B 229 -15.49 -8.03 8.66
C LEU B 229 -15.96 -6.58 8.56
N PRO B 230 -15.13 -5.65 8.98
CA PRO B 230 -15.62 -4.27 9.18
C PRO B 230 -15.72 -3.41 7.93
N PHE B 231 -16.44 -3.88 6.92
CA PHE B 231 -16.54 -3.13 5.66
C PHE B 231 -17.32 -1.83 5.81
N ASP B 232 -18.12 -1.73 6.87
CA ASP B 232 -18.83 -0.48 7.18
C ASP B 232 -17.85 0.62 7.61
N LYS B 233 -16.68 0.21 8.08
CA LYS B 233 -15.66 1.11 8.59
C LYS B 233 -14.65 1.50 7.51
N CYS B 234 -14.83 1.05 6.28
CA CYS B 234 -13.95 1.38 5.17
C CYS B 234 -14.49 2.54 4.34
N GLN B 235 -13.61 3.49 4.02
CA GLN B 235 -13.92 4.48 2.99
C GLN B 235 -13.46 3.95 1.63
N SER B 236 -12.31 3.28 1.61
CA SER B 236 -11.79 2.69 0.38
C SER B 236 -11.84 1.17 0.41
N THR B 237 -11.98 0.54 -0.74
CA THR B 237 -11.70 -0.90 -0.83
C THR B 237 -10.24 -1.15 -0.46
N THR B 238 -9.96 -2.35 0.02
CA THR B 238 -8.60 -2.73 0.40
C THR B 238 -8.33 -4.18 -0.01
N LYS B 239 -7.05 -4.48 -0.24
CA LYS B 239 -6.52 -5.82 -0.41
C LYS B 239 -5.66 -6.10 0.84
N TYR B 240 -6.07 -7.00 1.71
CA TYR B 240 -5.39 -7.45 2.90
C TYR B 240 -5.33 -6.44 4.03
N GLY B 241 -5.89 -5.25 3.95
CA GLY B 241 -5.65 -4.19 4.93
C GLY B 241 -6.46 -4.27 6.18
N LEU B 242 -7.42 -5.20 6.30
CA LEU B 242 -8.25 -5.29 7.50
C LEU B 242 -7.74 -6.40 8.41
N LEU B 243 -7.20 -6.02 9.58
CA LEU B 243 -6.69 -7.00 10.54
C LEU B 243 -7.36 -6.77 11.88
N GLU B 244 -7.68 -7.86 12.57
CA GLU B 244 -8.28 -7.74 13.89
C GLU B 244 -7.34 -7.04 14.86
N ASN B 245 -7.90 -6.27 15.79
CA ASN B 245 -7.13 -5.59 16.83
C ASN B 245 -6.24 -4.49 16.26
N TYR B 246 -6.60 -3.92 15.13
CA TYR B 246 -6.01 -2.71 14.59
C TYR B 246 -7.02 -1.58 14.74
N ASN B 247 -6.49 -0.39 15.02
CA ASN B 247 -7.31 0.81 15.15
C ASN B 247 -8.20 1.00 13.93
N ALA B 248 -9.48 1.33 14.12
CA ALA B 248 -10.41 1.43 13.01
C ALA B 248 -10.02 2.53 12.02
N ASP B 249 -9.18 3.46 12.44
CA ASP B 249 -8.75 4.49 11.50
C ASP B 249 -7.83 3.92 10.44
N VAL B 250 -7.21 2.77 10.71
CA VAL B 250 -6.43 2.08 9.67
C VAL B 250 -7.39 1.45 8.67
N TRP B 251 -8.51 0.91 9.14
CA TRP B 251 -9.50 0.26 8.31
C TRP B 251 -10.15 1.22 7.30
N ALA B 252 -10.15 2.51 7.56
CA ALA B 252 -10.76 3.47 6.65
C ALA B 252 -10.17 3.29 5.25
N ASP B 253 -8.87 3.09 5.22
CA ASP B 253 -8.18 2.77 3.98
C ASP B 253 -6.97 1.90 4.33
N GLY B 254 -7.16 0.59 4.25
CA GLY B 254 -6.16 -0.39 4.61
C GLY B 254 -5.10 -0.63 3.58
N GLY B 255 -5.19 0.01 2.41
CA GLY B 255 -4.16 -0.05 1.41
C GLY B 255 -4.39 -1.15 0.38
N GLN B 256 -3.63 -1.05 -0.71
CA GLN B 256 -3.64 -2.07 -1.78
C GLN B 256 -2.37 -2.87 -1.59
N ASN B 257 -2.45 -3.91 -0.77
CA ASN B 257 -1.24 -4.62 -0.33
C ASN B 257 -0.92 -5.71 -1.36
N TRP B 258 -0.52 -5.23 -2.53
CA TRP B 258 -0.37 -6.08 -3.71
C TRP B 258 0.75 -7.08 -3.59
N LEU B 259 1.79 -6.83 -2.79
CA LEU B 259 2.84 -7.83 -2.62
C LEU B 259 2.27 -9.09 -1.95
N ARG B 260 1.33 -8.90 -1.03
CA ARG B 260 0.77 -10.03 -0.29
C ARG B 260 -0.19 -10.81 -1.18
N ALA B 261 -0.95 -10.11 -2.01
CA ALA B 261 -1.76 -10.76 -3.03
C ALA B 261 -0.89 -11.58 -3.97
N ASN B 262 0.20 -11.00 -4.47
CA ASN B 262 1.10 -11.76 -5.35
C ASN B 262 1.63 -12.99 -4.61
N LEU B 263 2.03 -12.85 -3.36
CA LEU B 263 2.55 -14.00 -2.61
C LEU B 263 1.50 -15.09 -2.55
N ALA B 264 0.26 -14.72 -2.27
CA ALA B 264 -0.83 -15.70 -2.18
C ALA B 264 -1.05 -16.41 -3.51
N LEU B 265 -1.03 -15.67 -4.62
CA LEU B 265 -1.23 -16.32 -5.91
C LEU B 265 -0.16 -17.37 -6.19
N ASN B 266 1.08 -17.10 -5.79
CA ASN B 266 2.18 -18.03 -6.07
C ASN B 266 2.35 -19.10 -5.00
N GLU B 267 1.84 -18.88 -3.79
CA GLU B 267 1.84 -19.93 -2.77
C GLU B 267 0.58 -20.80 -2.83
N HIS B 268 -0.44 -20.33 -3.51
CA HIS B 268 -1.67 -21.05 -3.82
C HIS B 268 -2.20 -21.86 -2.65
N PRO B 269 -2.56 -21.20 -1.55
CA PRO B 269 -3.15 -21.94 -0.42
C PRO B 269 -4.63 -22.24 -0.67
N TRP B 270 -4.87 -23.34 -1.39
CA TRP B 270 -6.22 -23.77 -1.75
C TRP B 270 -7.08 -23.94 -0.50
N TYR B 271 -8.36 -23.55 -0.55
CA TYR B 271 -9.18 -23.75 0.66
C TYR B 271 -9.63 -25.21 0.75
N GLN B 272 -9.61 -25.95 -0.37
CA GLN B 272 -10.11 -27.31 -0.42
C GLN B 272 -9.12 -28.28 0.22
N ASN B 273 -9.69 -29.36 0.75
CA ASN B 273 -8.90 -30.50 1.21
C ASN B 273 -8.35 -31.24 -0.03
N LEU B 274 -7.02 -31.38 -0.07
CA LEU B 274 -6.35 -32.01 -1.20
C LEU B 274 -5.74 -33.36 -0.85
N ASP B 275 -6.29 -33.94 0.22
CA ASP B 275 -5.86 -35.29 0.60
C ASP B 275 -6.03 -36.27 -0.56
N GLY B 276 -5.04 -37.12 -0.73
CA GLY B 276 -5.04 -38.06 -1.83
C GLY B 276 -4.82 -37.48 -3.21
N TRP B 277 -4.59 -36.18 -3.37
CA TRP B 277 -4.18 -35.70 -4.70
C TRP B 277 -2.77 -36.14 -5.06
N ASP B 278 -2.48 -36.21 -6.37
CA ASP B 278 -1.19 -36.68 -6.86
C ASP B 278 -0.11 -35.63 -6.64
N SER B 279 -0.55 -34.38 -6.65
CA SER B 279 0.34 -33.25 -6.39
C SER B 279 -0.51 -32.09 -5.90
N VAL B 280 0.08 -31.09 -5.27
CA VAL B 280 -0.62 -29.82 -5.09
C VAL B 280 -0.35 -28.89 -6.26
N PRO B 281 -1.27 -28.69 -7.20
CA PRO B 281 -0.97 -27.90 -8.39
C PRO B 281 -0.86 -26.41 -8.05
N THR B 282 -0.02 -25.74 -8.83
CA THR B 282 0.01 -24.29 -8.79
C THR B 282 -1.29 -23.74 -9.41
N LEU B 283 -1.53 -22.44 -9.28
CA LEU B 283 -2.68 -21.81 -9.93
C LEU B 283 -2.61 -21.95 -11.44
N GLN B 284 -1.42 -21.77 -12.03
CA GLN B 284 -1.32 -21.99 -13.47
C GLN B 284 -1.66 -23.42 -13.85
N ASP B 285 -1.13 -24.40 -13.13
CA ASP B 285 -1.39 -25.79 -13.52
C ASP B 285 -2.84 -26.16 -13.29
N MET B 286 -3.45 -25.67 -12.20
CA MET B 286 -4.89 -25.94 -12.03
C MET B 286 -5.69 -25.38 -13.19
N THR B 287 -5.29 -24.20 -13.68
CA THR B 287 -6.03 -23.58 -14.78
C THR B 287 -5.83 -24.38 -16.05
N PHE B 288 -4.58 -24.79 -16.31
CA PHE B 288 -4.28 -25.68 -17.42
C PHE B 288 -5.17 -26.93 -17.39
N ARG B 289 -5.26 -27.56 -16.22
CA ARG B 289 -6.09 -28.76 -16.12
C ARG B 289 -7.56 -28.46 -16.34
N LEU B 290 -8.03 -27.29 -15.92
CA LEU B 290 -9.43 -26.94 -16.19
C LEU B 290 -9.71 -26.93 -17.70
N LEU B 291 -8.76 -26.37 -18.45
CA LEU B 291 -9.01 -26.18 -19.87
C LEU B 291 -8.75 -27.45 -20.66
N THR B 292 -7.95 -28.38 -20.16
CA THR B 292 -7.51 -29.53 -20.94
C THR B 292 -8.06 -30.88 -20.53
N THR B 293 -8.68 -30.98 -19.36
CA THR B 293 -9.27 -32.25 -18.95
C THR B 293 -10.54 -32.52 -19.75
N GLY B 294 -10.53 -33.62 -20.49
CA GLY B 294 -11.65 -34.00 -21.33
C GLY B 294 -12.71 -34.76 -20.58
N GLY B 295 -13.87 -34.96 -21.19
CA GLY B 295 -14.94 -35.80 -20.71
C GLY B 295 -15.80 -35.22 -19.64
N LEU B 296 -15.65 -33.93 -19.31
CA LEU B 296 -16.46 -33.33 -18.25
C LEU B 296 -17.72 -32.73 -18.84
N ASN B 297 -18.80 -32.74 -18.07
CA ASN B 297 -20.00 -32.07 -18.57
C ASN B 297 -20.04 -30.62 -18.10
N TRP B 298 -21.02 -29.85 -18.58
CA TRP B 298 -21.18 -28.45 -18.24
C TRP B 298 -21.34 -28.29 -16.74
N GLY B 299 -22.14 -29.12 -16.11
CA GLY B 299 -22.36 -28.97 -14.68
C GLY B 299 -21.08 -29.18 -13.87
N GLU B 300 -20.28 -30.18 -14.25
CA GLU B 300 -18.99 -30.40 -13.61
C GLU B 300 -18.04 -29.22 -13.77
N PHE B 301 -18.00 -28.66 -14.97
CA PHE B 301 -17.13 -27.53 -15.26
C PHE B 301 -17.51 -26.26 -14.53
N SER B 302 -18.81 -25.97 -14.53
CA SER B 302 -19.30 -24.62 -14.27
C SER B 302 -19.40 -24.22 -12.81
N SER B 303 -19.53 -25.17 -11.89
CA SER B 303 -19.97 -24.78 -10.54
C SER B 303 -19.57 -25.76 -9.46
N THR B 304 -19.37 -25.21 -8.27
CA THR B 304 -19.26 -26.01 -7.06
C THR B 304 -20.54 -26.80 -6.74
N ARG B 305 -21.65 -26.48 -7.37
CA ARG B 305 -22.92 -27.12 -7.07
C ARG B 305 -22.87 -28.62 -7.38
N TYR B 306 -22.07 -29.01 -8.38
CA TYR B 306 -22.13 -30.39 -8.90
C TYR B 306 -21.83 -31.38 -7.80
N ASP B 307 -20.92 -30.98 -6.91
CA ASP B 307 -20.53 -31.97 -5.90
C ASP B 307 -21.47 -31.95 -4.71
N ALA B 321 -15.66 -35.34 -4.13
CA ALA B 321 -15.18 -34.44 -5.18
C ALA B 321 -14.05 -35.04 -6.02
N PRO B 322 -13.96 -34.57 -7.26
CA PRO B 322 -12.84 -35.01 -8.09
C PRO B 322 -11.51 -34.57 -7.51
N LYS B 323 -10.46 -35.33 -7.84
CA LYS B 323 -9.10 -34.95 -7.46
C LYS B 323 -8.28 -34.57 -8.69
N ASN B 324 -7.22 -33.78 -8.47
CA ASN B 324 -6.26 -33.47 -9.52
C ASN B 324 -6.84 -32.57 -10.61
N TRP B 325 -7.97 -31.96 -10.29
CA TRP B 325 -8.75 -31.11 -11.17
CA TRP B 325 -8.52 -30.88 -11.11
C TRP B 325 -9.64 -30.24 -10.28
N MET B 326 -9.97 -29.03 -10.66
CA MET B 326 -10.91 -28.17 -9.95
C MET B 326 -11.83 -27.44 -10.91
N ASN B 327 -13.11 -27.31 -10.55
CA ASN B 327 -14.02 -26.61 -11.46
C ASN B 327 -13.78 -25.11 -11.51
N LEU B 328 -14.39 -24.45 -12.51
CA LEU B 328 -14.18 -23.04 -12.75
C LEU B 328 -14.51 -22.19 -11.52
N GLU B 329 -15.67 -22.45 -10.94
CA GLU B 329 -16.10 -21.58 -9.84
C GLU B 329 -15.18 -21.72 -8.64
N ALA B 330 -14.68 -22.93 -8.38
CA ALA B 330 -13.79 -23.17 -7.25
C ALA B 330 -12.42 -22.53 -7.46
N ILE B 331 -11.86 -22.59 -8.68
CA ILE B 331 -10.64 -21.82 -8.94
C ILE B 331 -10.89 -20.33 -8.71
N HIS B 332 -11.97 -19.83 -9.28
CA HIS B 332 -12.36 -18.43 -9.15
C HIS B 332 -12.50 -18.02 -7.70
N ASN B 333 -13.03 -18.90 -6.84
CA ASN B 333 -13.22 -18.59 -5.43
C ASN B 333 -11.88 -18.41 -4.74
N ASN B 334 -10.95 -19.32 -5.06
CA ASN B 334 -9.60 -19.22 -4.47
C ASN B 334 -8.93 -17.90 -4.87
N VAL B 335 -9.07 -17.55 -6.17
CA VAL B 335 -8.44 -16.32 -6.61
C VAL B 335 -9.04 -15.12 -5.87
N HIS B 336 -10.36 -15.11 -5.67
CA HIS B 336 -10.96 -14.04 -4.89
C HIS B 336 -10.30 -13.91 -3.52
N ASN B 337 -10.14 -15.04 -2.84
CA ASN B 337 -9.53 -15.02 -1.52
C ASN B 337 -8.10 -14.51 -1.57
N TRP B 338 -7.33 -14.94 -2.58
CA TRP B 338 -5.90 -14.64 -2.62
C TRP B 338 -5.68 -13.18 -2.99
N VAL B 339 -6.60 -12.59 -3.78
CA VAL B 339 -6.49 -11.18 -4.11
C VAL B 339 -6.91 -10.31 -2.94
N GLY B 340 -8.04 -10.63 -2.29
CA GLY B 340 -8.59 -9.72 -1.30
C GLY B 340 -7.98 -9.89 0.08
N GLY B 341 -7.52 -11.10 0.40
CA GLY B 341 -7.08 -11.43 1.75
C GLY B 341 -8.25 -12.04 2.50
N PHE B 342 -7.99 -13.21 3.09
CA PHE B 342 -9.03 -14.06 3.61
C PHE B 342 -8.84 -14.35 5.08
N MET B 343 -7.94 -13.66 5.79
CA MET B 343 -7.68 -13.88 7.22
C MET B 343 -7.71 -12.54 7.96
N PHE B 344 -8.84 -12.23 8.56
CA PHE B 344 -8.97 -11.04 9.40
C PHE B 344 -8.29 -11.29 10.73
N SER B 345 -8.66 -12.39 11.38
CA SER B 345 -8.04 -12.65 12.69
C SER B 345 -6.63 -13.19 12.49
N ARG B 346 -5.80 -12.92 13.48
CA ARG B 346 -4.39 -13.29 13.41
C ARG B 346 -4.26 -14.81 13.32
N PRO B 347 -3.60 -15.33 12.31
CA PRO B 347 -3.39 -16.78 12.22
C PRO B 347 -2.11 -17.22 12.93
N GLY B 348 -1.79 -18.52 12.79
CA GLY B 348 -0.60 -19.11 13.36
C GLY B 348 0.68 -18.59 12.72
N ARG B 349 1.79 -18.82 13.40
CA ARG B 349 3.09 -18.31 12.96
C ARG B 349 3.33 -18.46 11.46
N HIS B 350 3.02 -19.65 10.97
CA HIS B 350 3.38 -20.03 9.61
C HIS B 350 2.57 -19.28 8.57
N ASP B 351 1.42 -18.73 8.97
CA ASP B 351 0.52 -18.07 8.04
C ASP B 351 0.53 -16.55 8.20
N LEU B 352 1.35 -16.03 9.12
CA LEU B 352 1.44 -14.61 9.33
C LEU B 352 1.82 -13.90 8.04
N LYS B 353 2.59 -14.55 7.17
CA LYS B 353 3.00 -13.94 5.90
C LYS B 353 1.82 -13.60 5.01
N LEU B 354 0.64 -14.17 5.26
CA LEU B 354 -0.53 -13.91 4.44
C LEU B 354 -1.66 -13.29 5.23
N TRP B 355 -1.43 -12.79 6.44
CA TRP B 355 -2.47 -12.20 7.28
C TRP B 355 -3.08 -10.96 6.64
N GLY B 356 -4.41 -10.89 6.69
CA GLY B 356 -5.15 -9.67 6.39
C GLY B 356 -6.37 -9.95 5.52
N ALA B 357 -7.41 -9.17 5.70
CA ALA B 357 -8.65 -9.37 4.97
C ALA B 357 -9.00 -8.17 4.11
N GLY B 358 -9.77 -8.38 3.05
CA GLY B 358 -10.19 -7.25 2.20
C GLY B 358 -11.35 -7.68 1.29
N HIS B 359 -11.82 -6.69 0.52
CA HIS B 359 -13.10 -6.78 -0.16
C HIS B 359 -13.25 -8.00 -1.06
N MET B 360 -12.20 -8.34 -1.81
CA MET B 360 -12.34 -9.36 -2.86
C MET B 360 -12.60 -10.73 -2.25
N SER B 361 -12.34 -10.97 -0.96
CA SER B 361 -12.64 -12.28 -0.40
C SER B 361 -14.06 -12.41 0.12
N SER B 362 -14.83 -11.34 0.11
CA SER B 362 -16.18 -11.34 0.68
C SER B 362 -17.22 -11.10 -0.39
N VAL B 363 -18.05 -12.09 -0.65
CA VAL B 363 -19.05 -12.01 -1.72
C VAL B 363 -19.88 -10.74 -1.67
N PRO B 364 -20.40 -10.34 -0.52
CA PRO B 364 -21.26 -9.13 -0.45
C PRO B 364 -20.55 -7.88 -0.93
N VAL B 365 -19.22 -7.79 -0.86
CA VAL B 365 -18.56 -6.54 -1.24
C VAL B 365 -17.43 -6.67 -2.25
N ALA B 366 -17.18 -7.85 -2.81
CA ALA B 366 -16.05 -8.01 -3.71
C ALA B 366 -16.14 -7.13 -4.94
N ALA B 367 -17.34 -6.84 -5.46
CA ALA B 367 -17.49 -6.16 -6.73
C ALA B 367 -17.07 -4.71 -6.63
N TYR B 368 -16.94 -4.19 -5.39
CA TYR B 368 -16.47 -2.80 -5.27
C TYR B 368 -14.99 -2.69 -5.66
N ASP B 369 -14.18 -3.75 -5.54
CA ASP B 369 -12.77 -3.58 -5.91
C ASP B 369 -12.66 -3.63 -7.44
N PRO B 370 -12.10 -2.61 -8.10
CA PRO B 370 -12.08 -2.62 -9.58
C PRO B 370 -11.43 -3.87 -10.16
N ILE B 371 -10.57 -4.59 -9.43
CA ILE B 371 -10.04 -5.83 -10.05
C ILE B 371 -11.10 -6.90 -10.21
N PHE B 372 -12.20 -6.79 -9.47
CA PHE B 372 -13.28 -7.78 -9.61
C PHE B 372 -13.61 -8.03 -11.08
N TRP B 373 -13.74 -6.94 -11.83
CA TRP B 373 -14.26 -7.00 -13.19
C TRP B 373 -13.21 -7.62 -14.10
N LEU B 374 -11.94 -7.37 -13.82
CA LEU B 374 -10.85 -7.91 -14.63
C LEU B 374 -10.69 -9.41 -14.37
N HIS B 375 -10.87 -9.82 -13.13
CA HIS B 375 -10.90 -11.25 -12.77
C HIS B 375 -12.06 -11.92 -13.49
N HIS B 376 -13.26 -11.32 -13.38
CA HIS B 376 -14.41 -11.95 -14.05
C HIS B 376 -14.28 -11.91 -15.55
N CYS B 377 -13.56 -10.93 -16.10
CA CYS B 377 -13.30 -10.95 -17.54
C CYS B 377 -12.52 -12.22 -17.88
N ASN B 378 -11.50 -12.57 -17.08
CA ASN B 378 -10.77 -13.78 -17.38
C ASN B 378 -11.62 -15.03 -17.12
N ILE B 379 -12.48 -15.01 -16.12
CA ILE B 379 -13.37 -16.18 -15.92
C ILE B 379 -14.26 -16.35 -17.14
N ASP B 380 -14.71 -15.25 -17.74
CA ASP B 380 -15.49 -15.32 -18.97
C ASP B 380 -14.67 -15.91 -20.11
N ARG B 381 -13.42 -15.49 -20.24
CA ARG B 381 -12.48 -16.02 -21.22
C ARG B 381 -12.24 -17.50 -21.04
N LEU B 382 -12.00 -17.95 -19.80
CA LEU B 382 -11.85 -19.38 -19.52
C LEU B 382 -13.09 -20.15 -19.92
N THR B 383 -14.27 -19.56 -19.67
CA THR B 383 -15.49 -20.23 -20.09
C THR B 383 -15.52 -20.36 -21.61
N ALA B 384 -15.23 -19.27 -22.30
CA ALA B 384 -15.25 -19.31 -23.77
C ALA B 384 -14.27 -20.34 -24.29
N ILE B 385 -13.06 -20.42 -23.72
CA ILE B 385 -12.09 -21.42 -24.16
C ILE B 385 -12.65 -22.81 -23.93
N TRP B 386 -13.16 -23.07 -22.73
CA TRP B 386 -13.67 -24.41 -22.43
C TRP B 386 -14.81 -24.76 -23.36
N GLN B 387 -15.70 -23.81 -23.63
CA GLN B 387 -16.79 -24.05 -24.58
C GLN B 387 -16.28 -24.47 -25.95
N THR B 388 -15.25 -23.77 -26.40
CA THR B 388 -14.64 -24.00 -27.70
C THR B 388 -14.14 -25.44 -27.81
N VAL B 389 -13.52 -25.96 -26.75
CA VAL B 389 -12.98 -27.32 -26.86
C VAL B 389 -13.92 -28.36 -26.25
N ASN B 390 -15.10 -27.93 -25.84
CA ASN B 390 -16.15 -28.83 -25.37
C ASN B 390 -17.50 -28.43 -25.95
N SER B 391 -17.60 -28.33 -27.27
CA SER B 391 -18.75 -27.64 -27.85
C SER B 391 -20.07 -28.38 -27.63
N GLY B 392 -20.05 -29.65 -27.22
CA GLY B 392 -21.28 -30.38 -26.96
C GLY B 392 -21.81 -30.29 -25.55
N SER B 393 -21.10 -29.61 -24.66
CA SER B 393 -21.46 -29.60 -23.24
C SER B 393 -21.95 -28.23 -22.80
N TRP B 394 -23.28 -28.10 -22.80
CA TRP B 394 -23.97 -26.86 -22.45
C TRP B 394 -25.29 -27.23 -21.76
N PHE B 395 -25.26 -27.13 -20.43
CA PHE B 395 -26.52 -27.21 -19.69
C PHE B 395 -27.35 -28.40 -20.11
N ASN B 396 -26.67 -29.53 -20.28
CA ASN B 396 -27.42 -30.65 -20.84
C ASN B 396 -26.94 -31.95 -20.21
N ASP B 397 -26.47 -31.87 -18.98
CA ASP B 397 -26.36 -33.05 -18.12
C ASP B 397 -27.52 -33.05 -17.14
N ASP B 398 -27.77 -34.19 -16.49
CA ASP B 398 -28.94 -34.31 -15.62
C ASP B 398 -29.03 -33.15 -14.63
N LYS B 399 -27.89 -32.76 -14.07
CA LYS B 399 -27.86 -31.73 -13.04
C LYS B 399 -28.06 -30.32 -13.57
N SER B 400 -27.29 -29.93 -14.59
CA SER B 400 -27.31 -28.51 -14.93
C SER B 400 -28.49 -28.15 -15.82
N LYS B 401 -29.06 -29.13 -16.51
CA LYS B 401 -30.20 -28.89 -17.40
C LYS B 401 -31.33 -28.13 -16.71
N VAL B 402 -31.54 -28.36 -15.41
CA VAL B 402 -32.66 -27.74 -14.70
C VAL B 402 -32.56 -26.22 -14.54
N SER B 403 -31.34 -25.70 -14.57
CA SER B 403 -31.07 -24.28 -14.38
C SER B 403 -31.05 -23.52 -15.71
N LYS B 404 -31.06 -24.23 -16.84
CA LYS B 404 -30.79 -23.63 -18.13
C LYS B 404 -31.67 -22.40 -18.38
N ASP B 405 -32.96 -22.49 -18.06
CA ASP B 405 -33.87 -21.40 -18.42
C ASP B 405 -34.19 -20.45 -17.27
N ASP B 406 -33.37 -20.42 -16.22
CA ASP B 406 -33.50 -19.39 -15.19
C ASP B 406 -33.34 -17.98 -15.75
N ASP B 407 -34.18 -17.05 -15.32
CA ASP B 407 -34.00 -15.64 -15.71
C ASP B 407 -32.73 -15.11 -15.05
N LEU B 408 -31.84 -14.48 -15.79
CA LEU B 408 -30.63 -13.92 -15.19
C LEU B 408 -30.89 -12.48 -14.77
N ARG B 409 -31.71 -12.35 -13.75
CA ARG B 409 -32.09 -11.05 -13.17
C ARG B 409 -30.80 -10.41 -12.65
N PRO B 410 -30.68 -9.10 -12.70
CA PRO B 410 -31.71 -8.16 -13.18
C PRO B 410 -31.55 -7.70 -14.61
N PHE B 411 -30.89 -8.51 -15.44
CA PHE B 411 -30.43 -8.03 -16.74
C PHE B 411 -31.48 -8.14 -17.83
N HIS B 412 -31.79 -7.01 -18.48
CA HIS B 412 -32.80 -6.93 -19.52
C HIS B 412 -32.20 -6.90 -20.93
N ARG B 413 -32.92 -7.49 -21.88
CA ARG B 413 -32.55 -7.52 -23.29
C ARG B 413 -33.83 -7.39 -24.10
N PHE B 414 -33.67 -7.03 -25.37
CA PHE B 414 -34.79 -6.93 -26.29
C PHE B 414 -34.90 -8.25 -27.04
N CYS B 415 -36.11 -8.80 -27.05
CA CYS B 415 -36.37 -10.04 -27.77
C CYS B 415 -36.93 -9.72 -29.16
N GLU B 416 -36.16 -10.10 -30.16
CA GLU B 416 -36.36 -9.73 -31.55
C GLU B 416 -37.37 -10.65 -32.24
N LYS B 417 -38.47 -10.88 -31.53
CA LYS B 417 -39.56 -11.69 -32.06
C LYS B 417 -40.87 -11.13 -31.50
N THR B 418 -40.91 -10.99 -30.18
CA THR B 418 -42.13 -10.51 -29.54
C THR B 418 -42.10 -9.00 -29.36
N ARG B 419 -40.98 -8.36 -29.65
CA ARG B 419 -40.87 -6.91 -29.58
C ARG B 419 -40.92 -6.47 -28.12
N LYS B 420 -40.57 -7.42 -27.25
CA LYS B 420 -40.61 -7.15 -25.83
C LYS B 420 -39.22 -7.22 -25.22
N VAL B 421 -39.09 -6.42 -24.16
CA VAL B 421 -38.00 -6.58 -23.21
C VAL B 421 -38.24 -7.71 -22.23
N VAL B 422 -37.22 -8.55 -22.07
CA VAL B 422 -37.26 -9.74 -21.22
C VAL B 422 -35.96 -9.83 -20.46
N PHE B 423 -35.89 -10.73 -19.48
CA PHE B 423 -34.63 -11.04 -18.81
C PHE B 423 -33.76 -11.93 -19.70
N PHE B 424 -32.45 -11.69 -19.63
CA PHE B 424 -31.47 -12.57 -20.22
C PHE B 424 -31.67 -14.00 -19.74
N ARG B 425 -31.38 -14.95 -20.61
CA ARG B 425 -31.28 -16.36 -20.28
C ARG B 425 -29.93 -16.88 -20.76
N SER B 426 -29.49 -17.97 -20.14
CA SER B 426 -28.16 -18.48 -20.44
C SER B 426 -27.98 -18.73 -21.93
N ASP B 427 -29.00 -19.27 -22.62
CA ASP B 427 -28.82 -19.59 -24.02
C ASP B 427 -28.55 -18.34 -24.86
N ASP B 428 -29.01 -17.18 -24.42
CA ASP B 428 -28.80 -15.93 -25.15
C ASP B 428 -27.33 -15.57 -25.25
N VAL B 429 -26.52 -16.10 -24.32
CA VAL B 429 -25.11 -15.73 -24.27
C VAL B 429 -24.17 -16.92 -24.45
N LYS B 430 -24.71 -18.05 -24.88
CA LYS B 430 -23.86 -19.18 -25.24
C LYS B 430 -22.80 -18.76 -26.24
N ASP B 431 -23.23 -17.99 -27.26
CA ASP B 431 -22.27 -17.42 -28.20
C ASP B 431 -21.89 -16.03 -27.73
N TRP B 432 -20.74 -15.90 -27.06
CA TRP B 432 -20.36 -14.63 -26.45
C TRP B 432 -20.19 -13.57 -27.54
N ARG B 433 -19.94 -14.00 -28.77
CA ARG B 433 -19.78 -13.06 -29.89
C ARG B 433 -21.06 -12.33 -30.20
N SER B 434 -22.22 -12.81 -29.75
CA SER B 434 -23.45 -12.05 -29.96
C SER B 434 -23.41 -10.74 -29.18
N LEU B 435 -22.52 -10.65 -28.19
CA LEU B 435 -22.36 -9.43 -27.41
C LEU B 435 -21.23 -8.56 -27.94
N ASN B 436 -20.74 -8.89 -29.13
CA ASN B 436 -19.81 -8.08 -29.90
C ASN B 436 -18.45 -7.90 -29.24
N TYR B 437 -17.95 -8.98 -28.64
CA TYR B 437 -16.56 -9.05 -28.23
C TYR B 437 -16.04 -10.47 -28.50
N ASP B 438 -14.71 -10.60 -28.53
CA ASP B 438 -14.09 -11.93 -28.58
C ASP B 438 -12.78 -11.87 -27.80
N TYR B 439 -12.11 -13.00 -27.75
CA TYR B 439 -10.78 -13.14 -27.19
C TYR B 439 -9.84 -13.60 -28.29
N ALA B 440 -8.61 -13.13 -28.27
CA ALA B 440 -7.66 -13.62 -29.28
C ALA B 440 -7.64 -15.14 -29.28
N ILE B 441 -7.67 -15.75 -28.10
CA ILE B 441 -7.39 -17.19 -28.02
C ILE B 441 -8.54 -18.01 -28.61
N THR B 442 -9.76 -17.50 -28.55
CA THR B 442 -10.91 -18.18 -29.13
C THR B 442 -11.16 -17.76 -30.56
N LYS B 443 -10.73 -16.56 -30.95
CA LYS B 443 -10.91 -16.17 -32.35
C LYS B 443 -10.04 -17.09 -33.20
N ASP B 444 -8.82 -17.38 -32.72
CA ASP B 444 -7.93 -18.28 -33.47
C ASP B 444 -8.11 -19.72 -33.03
N ALA B 445 -9.29 -20.30 -33.27
CA ALA B 445 -9.60 -21.55 -32.59
C ALA B 445 -8.69 -22.70 -33.03
N SER B 446 -8.17 -22.61 -34.26
CA SER B 446 -7.33 -23.71 -34.73
C SER B 446 -6.13 -23.95 -33.82
N ARG B 447 -5.62 -22.87 -33.25
CA ARG B 447 -4.41 -22.85 -32.45
C ARG B 447 -4.69 -23.10 -30.97
N ILE B 448 -5.94 -23.29 -30.59
CA ILE B 448 -6.27 -23.07 -29.17
C ILE B 448 -5.55 -24.06 -28.28
N ARG B 449 -5.43 -25.33 -28.68
CA ARG B 449 -4.78 -26.26 -27.76
C ARG B 449 -3.31 -25.92 -27.61
N LYS B 450 -2.66 -25.49 -28.69
CA LYS B 450 -1.26 -25.10 -28.59
C LYS B 450 -1.11 -23.84 -27.73
N GLU B 451 -2.05 -22.90 -27.91
CA GLU B 451 -1.94 -21.69 -27.08
C GLU B 451 -2.14 -21.99 -25.61
N ILE B 452 -3.08 -22.88 -25.31
CA ILE B 452 -3.30 -23.23 -23.89
C ILE B 452 -2.02 -23.83 -23.34
N SER B 453 -1.32 -24.64 -24.14
CA SER B 453 -0.09 -25.26 -23.64
C SER B 453 1.01 -24.23 -23.47
N ASP B 454 1.12 -23.32 -24.44
CA ASP B 454 2.15 -22.29 -24.34
C ASP B 454 1.95 -21.39 -23.13
N LEU B 455 0.71 -21.04 -22.81
CA LEU B 455 0.44 -20.10 -21.74
C LEU B 455 0.48 -20.79 -20.38
N TYR B 456 -0.06 -22.01 -20.34
CA TYR B 456 -0.38 -22.56 -19.02
C TYR B 456 0.25 -23.93 -18.82
N GLY B 457 0.85 -24.50 -19.85
CA GLY B 457 1.41 -25.85 -19.69
C GLY B 457 2.71 -25.80 -18.90
N GLN B 458 2.99 -26.89 -18.19
CA GLN B 458 4.10 -26.94 -17.25
C GLN B 458 5.38 -27.44 -17.93
#